data_1E8G
#
_entry.id   1E8G
#
_cell.length_a   130.288
_cell.length_b   130.288
_cell.length_c   132.543
_cell.angle_alpha   90.00
_cell.angle_beta   90.00
_cell.angle_gamma   90.00
#
_symmetry.space_group_name_H-M   'I 4'
#
loop_
_entity.id
_entity.type
_entity.pdbx_description
1 polymer 'VANILLYL-ALCOHOL OXIDASE'
2 non-polymer 'FLAVIN-ADENINE DINUCLEOTIDE'
3 non-polymer ALPHA,ALPHA,ALPHA-TRIFLUORO-P-CRESOL
4 water water
#
_entity_poly.entity_id   1
_entity_poly.type   'polypeptide(L)'
_entity_poly.pdbx_seq_one_letter_code
;MSKTQEFRPLTLPPKLSLSDFNEFIQDIIRIVGSENVEVISSKDQIVDGSYMKPTHTHDPTHVMDQDYFLASAIVAPRNV
ADVQSIVGLANKFSFPLWPISIGRNSGYGGAAPRVSGSVVLDMGKNMNRVLEVNVEGAYCVVEPGVTYHDLHNYLEANNL
RDKLWLDVPDLGGGSVLGNAVERGVGYTPYGDHWMMHSGMEVVLANGELLRTGMGALPDPKRPETMGLKPEDQPWSKIAH
LFPYGFGPYIDGLFSQSNMGIVTKIGIWLMPNPGGYQSYLITLPKDGDLKQAVDIIRPLRLGMALQNVPTIRHILLDAAV
LGDKRSYSSRTEPLSDEELDKIAKQLNLGRWNFYGALYGPEPIRRVLWETIKDAFSAIPGVKFYFPEDTPENSVLRVRDK
TMQGIPTYDELKWIDWLPNGAHLFFSPIAKVSGEDAMMQYAVTKKRCQEAGLDFIGTFTVGMREMHHIVCIVFNKKDLIQ
KRKVQWLMRTLIDDCAANGWGEYRTHLAFMDQIMETYNWNNSSFLRFNEVLKNAVDPNGIIAPGKSGVWPSQYSHVTWKL
;
_entity_poly.pdbx_strand_id   A,B
#
loop_
_chem_comp.id
_chem_comp.type
_chem_comp.name
_chem_comp.formula
FAD non-polymer 'FLAVIN-ADENINE DINUCLEOTIDE' 'C27 H33 N9 O15 P2'
FCR non-polymer ALPHA,ALPHA,ALPHA-TRIFLUORO-P-CRESOL 'C7 H5 F3 O'
#
# COMPACT_ATOMS: atom_id res chain seq x y z
N GLU A 6 -31.28 11.76 27.69
CA GLU A 6 -32.32 10.69 27.75
C GLU A 6 -31.86 9.53 28.64
N PHE A 7 -32.79 8.98 29.42
CA PHE A 7 -32.61 8.01 30.41
C PHE A 7 -32.49 6.53 30.39
N ARG A 8 -33.31 5.78 29.66
CA ARG A 8 -33.24 4.33 29.70
C ARG A 8 -33.13 3.66 28.35
N PRO A 9 -31.94 3.20 28.00
CA PRO A 9 -31.70 2.50 26.76
C PRO A 9 -32.08 1.03 26.88
N LEU A 10 -32.50 0.41 25.77
CA LEU A 10 -32.82 -1.01 25.78
C LEU A 10 -31.63 -1.84 26.27
N THR A 11 -30.44 -1.54 25.76
CA THR A 11 -29.23 -2.25 26.13
C THR A 11 -28.12 -1.29 26.55
N LEU A 12 -27.46 -1.63 27.65
CA LEU A 12 -26.30 -0.92 28.15
C LEU A 12 -25.00 -1.66 27.80
N PRO A 13 -23.92 -0.92 27.65
CA PRO A 13 -22.60 -1.49 27.35
C PRO A 13 -22.13 -2.33 28.53
N PRO A 14 -21.21 -3.25 28.31
CA PRO A 14 -20.72 -4.12 29.36
C PRO A 14 -20.22 -3.37 30.57
N LYS A 15 -20.64 -3.81 31.75
CA LYS A 15 -20.28 -3.29 33.05
C LYS A 15 -20.66 -1.86 33.39
N LEU A 16 -21.40 -1.13 32.57
CA LEU A 16 -21.72 0.26 32.89
C LEU A 16 -23.09 0.33 33.55
N SER A 17 -23.22 1.15 34.59
CA SER A 17 -24.46 1.34 35.31
C SER A 17 -25.28 2.39 34.58
N LEU A 18 -26.59 2.30 34.81
CA LEU A 18 -27.60 3.20 34.27
C LEU A 18 -27.34 4.64 34.70
N SER A 19 -26.85 4.79 35.92
CA SER A 19 -26.50 6.10 36.44
C SER A 19 -25.26 6.63 35.72
N ASP A 20 -24.32 5.74 35.39
CA ASP A 20 -23.15 6.22 34.62
C ASP A 20 -23.59 6.54 33.20
N PHE A 21 -24.45 5.70 32.61
CA PHE A 21 -25.00 5.93 31.29
C PHE A 21 -25.58 7.34 31.21
N ASN A 22 -26.49 7.66 32.13
CA ASN A 22 -27.10 8.98 32.23
C ASN A 22 -26.11 10.10 32.44
N GLU A 23 -25.16 9.89 33.33
CA GLU A 23 -24.09 10.87 33.53
C GLU A 23 -23.40 11.14 32.19
N PHE A 24 -22.87 10.09 31.58
CA PHE A 24 -22.18 10.14 30.28
C PHE A 24 -23.01 10.84 29.22
N ILE A 25 -24.24 10.36 29.00
CA ILE A 25 -25.15 10.98 28.02
C ILE A 25 -25.41 12.43 28.38
N GLN A 26 -25.55 12.84 29.64
CA GLN A 26 -25.74 14.25 29.98
C GLN A 26 -24.51 15.05 29.56
N ASP A 27 -23.33 14.50 29.84
CA ASP A 27 -22.07 15.13 29.44
C ASP A 27 -21.99 15.32 27.93
N ILE A 28 -22.33 14.32 27.14
CA ILE A 28 -22.31 14.45 25.68
C ILE A 28 -23.30 15.46 25.16
N ILE A 29 -24.53 15.43 25.69
CA ILE A 29 -25.55 16.40 25.26
C ILE A 29 -25.04 17.81 25.54
N ARG A 30 -24.32 17.99 26.63
CA ARG A 30 -23.68 19.27 26.93
C ARG A 30 -22.77 19.66 25.76
N ILE A 31 -21.89 18.75 25.34
CA ILE A 31 -20.98 19.05 24.24
C ILE A 31 -21.60 19.26 22.88
N VAL A 32 -22.38 18.31 22.36
CA VAL A 32 -22.88 18.43 21.00
C VAL A 32 -24.31 18.91 20.86
N GLY A 33 -25.06 19.00 21.96
CA GLY A 33 -26.46 19.46 21.88
C GLY A 33 -27.41 18.28 21.83
N SER A 34 -28.67 18.52 22.22
CA SER A 34 -29.68 17.47 22.26
C SER A 34 -30.07 16.98 20.88
N GLU A 35 -29.95 17.83 19.88
CA GLU A 35 -30.23 17.49 18.49
C GLU A 35 -29.22 16.48 17.94
N ASN A 36 -28.04 16.35 18.50
CA ASN A 36 -27.02 15.44 18.01
C ASN A 36 -26.73 14.27 18.92
N VAL A 37 -27.59 13.83 19.84
CA VAL A 37 -27.22 12.70 20.71
C VAL A 37 -28.26 11.66 20.69
N GLU A 38 -28.62 10.47 20.29
CA GLU A 38 -29.90 9.78 20.40
C GLU A 38 -29.97 8.54 21.24
N VAL A 39 -30.86 8.52 22.25
CA VAL A 39 -30.96 7.35 23.11
C VAL A 39 -31.99 6.34 22.63
N ILE A 40 -31.55 5.09 22.45
CA ILE A 40 -32.45 4.06 21.98
C ILE A 40 -33.12 3.36 23.16
N SER A 41 -34.29 3.85 23.54
CA SER A 41 -35.10 3.31 24.61
C SER A 41 -36.14 2.28 24.16
N VAL A 47 -36.81 0.25 13.77
CA VAL A 47 -37.17 0.54 12.37
C VAL A 47 -35.98 0.33 11.45
N ASP A 48 -36.10 -0.52 10.45
CA ASP A 48 -35.00 -0.79 9.53
C ASP A 48 -34.68 0.37 8.61
N GLY A 49 -35.59 1.31 8.40
CA GLY A 49 -35.37 2.47 7.56
C GLY A 49 -35.16 2.12 6.09
N SER A 50 -34.27 2.81 5.41
CA SER A 50 -34.02 2.54 3.98
C SER A 50 -32.58 2.79 3.58
N TYR A 51 -32.29 2.69 2.28
CA TYR A 51 -30.94 3.01 1.81
C TYR A 51 -30.87 4.54 1.84
N MET A 52 -32.00 5.14 1.47
CA MET A 52 -32.15 6.59 1.45
C MET A 52 -31.96 7.19 2.83
N LYS A 53 -32.53 6.57 3.87
CA LYS A 53 -32.35 7.03 5.25
C LYS A 53 -31.88 5.86 6.09
N PRO A 54 -30.60 5.52 5.98
CA PRO A 54 -30.04 4.38 6.68
C PRO A 54 -30.30 4.41 8.18
N THR A 55 -30.65 3.27 8.77
CA THR A 55 -30.89 3.17 10.20
C THR A 55 -29.53 3.06 10.90
N HIS A 56 -29.34 3.75 12.01
CA HIS A 56 -28.04 3.76 12.67
C HIS A 56 -28.00 2.97 13.97
N THR A 57 -29.12 2.37 14.35
CA THR A 57 -29.25 1.68 15.61
C THR A 57 -29.08 0.17 15.63
N HIS A 58 -29.20 -0.53 14.51
CA HIS A 58 -29.12 -1.98 14.48
C HIS A 58 -28.96 -2.49 13.06
N ASP A 59 -28.88 -3.81 12.90
CA ASP A 59 -28.76 -4.46 11.60
C ASP A 59 -30.15 -4.59 10.98
N PRO A 60 -30.41 -3.88 9.89
CA PRO A 60 -31.69 -3.88 9.22
C PRO A 60 -31.98 -5.19 8.49
N THR A 61 -30.97 -5.70 7.80
CA THR A 61 -31.02 -6.95 7.06
C THR A 61 -30.58 -8.00 8.07
N HIS A 62 -31.47 -8.21 9.05
CA HIS A 62 -31.08 -9.04 10.17
C HIS A 62 -30.90 -10.49 9.73
N VAL A 63 -29.91 -11.12 10.35
CA VAL A 63 -29.58 -12.51 10.13
C VAL A 63 -29.52 -13.25 11.48
N MET A 64 -29.09 -12.46 12.48
CA MET A 64 -28.94 -12.94 13.84
C MET A 64 -30.16 -12.47 14.64
N ASP A 65 -30.26 -12.98 15.86
CA ASP A 65 -31.39 -12.62 16.70
C ASP A 65 -31.21 -11.28 17.42
N GLN A 66 -32.34 -10.87 17.98
CA GLN A 66 -32.46 -9.65 18.75
C GLN A 66 -31.52 -9.66 19.96
N ASP A 67 -31.03 -8.44 20.15
CA ASP A 67 -30.14 -8.10 21.25
C ASP A 67 -28.68 -8.23 20.86
N TYR A 68 -28.46 -8.58 19.59
CA TYR A 68 -27.14 -8.67 19.00
C TYR A 68 -27.07 -7.39 18.16
N PHE A 69 -25.93 -6.73 18.23
CA PHE A 69 -25.59 -5.55 17.45
C PHE A 69 -26.60 -4.41 17.62
N LEU A 70 -26.93 -4.12 18.89
CA LEU A 70 -27.89 -3.04 19.17
C LEU A 70 -27.26 -1.89 19.91
N ALA A 71 -27.27 -0.68 19.36
CA ALA A 71 -26.69 0.49 20.00
C ALA A 71 -27.47 0.93 21.22
N SER A 72 -26.81 1.56 22.20
CA SER A 72 -27.50 2.12 23.36
C SER A 72 -27.90 3.56 23.00
N ALA A 73 -27.08 4.18 22.16
CA ALA A 73 -27.30 5.55 21.71
C ALA A 73 -26.53 5.86 20.43
N ILE A 74 -26.97 6.85 19.66
CA ILE A 74 -26.32 7.31 18.44
C ILE A 74 -25.81 8.73 18.76
N VAL A 75 -24.54 9.04 18.61
CA VAL A 75 -24.07 10.41 18.87
C VAL A 75 -23.44 10.99 17.62
N ALA A 76 -23.76 12.26 17.31
CA ALA A 76 -23.15 12.89 16.12
C ALA A 76 -22.31 14.11 16.47
N PRO A 77 -20.99 13.92 16.44
CA PRO A 77 -20.05 15.01 16.68
C PRO A 77 -20.28 16.14 15.71
N ARG A 78 -20.03 17.39 16.15
CA ARG A 78 -20.16 18.51 15.22
C ARG A 78 -18.84 18.68 14.51
N ASN A 79 -17.76 18.27 15.19
CA ASN A 79 -16.43 18.49 14.61
C ASN A 79 -15.38 17.61 15.27
N VAL A 80 -14.09 17.79 14.93
CA VAL A 80 -13.05 16.94 15.51
C VAL A 80 -12.88 17.19 17.00
N ALA A 81 -13.13 18.42 17.46
CA ALA A 81 -13.03 18.67 18.90
C ALA A 81 -14.02 17.79 19.66
N ASP A 82 -15.24 17.64 19.15
CA ASP A 82 -16.25 16.81 19.82
C ASP A 82 -15.83 15.33 19.81
N VAL A 83 -15.27 14.84 18.70
CA VAL A 83 -14.77 13.47 18.68
C VAL A 83 -13.75 13.31 19.82
N GLN A 84 -12.78 14.21 19.95
CA GLN A 84 -11.78 14.11 21.00
C GLN A 84 -12.40 14.15 22.39
N SER A 85 -13.40 15.03 22.58
CA SER A 85 -14.09 15.15 23.85
C SER A 85 -14.83 13.86 24.17
N ILE A 86 -15.51 13.30 23.19
CA ILE A 86 -16.25 12.05 23.37
C ILE A 86 -15.31 10.89 23.66
N VAL A 87 -14.14 10.84 23.01
CA VAL A 87 -13.18 9.76 23.28
C VAL A 87 -12.71 9.86 24.72
N GLY A 88 -12.50 11.11 25.19
CA GLY A 88 -12.09 11.35 26.57
C GLY A 88 -13.14 10.82 27.54
N LEU A 89 -14.42 11.10 27.32
CA LEU A 89 -15.51 10.60 28.13
C LEU A 89 -15.60 9.08 28.09
N ALA A 90 -15.40 8.55 26.87
CA ALA A 90 -15.45 7.08 26.77
C ALA A 90 -14.31 6.41 27.54
N ASN A 91 -13.13 6.99 27.57
CA ASN A 91 -12.05 6.40 28.36
C ASN A 91 -12.36 6.55 29.84
N LYS A 92 -12.97 7.68 30.23
CA LYS A 92 -13.33 7.92 31.62
C LYS A 92 -14.33 6.90 32.09
N PHE A 93 -15.40 6.59 31.35
CA PHE A 93 -16.41 5.64 31.79
C PHE A 93 -16.21 4.30 31.14
N SER A 94 -15.18 4.04 30.34
CA SER A 94 -15.09 2.69 29.75
C SER A 94 -16.28 2.32 28.89
N PHE A 95 -16.70 3.19 28.01
CA PHE A 95 -17.84 3.00 27.13
C PHE A 95 -17.36 2.75 25.71
N PRO A 96 -17.79 1.69 25.06
CA PRO A 96 -17.37 1.40 23.69
C PRO A 96 -18.07 2.27 22.66
N LEU A 97 -17.30 2.68 21.67
CA LEU A 97 -17.71 3.51 20.56
C LEU A 97 -17.65 2.74 19.24
N TRP A 98 -18.58 3.01 18.33
CA TRP A 98 -18.59 2.35 17.02
C TRP A 98 -18.71 3.43 15.96
N PRO A 99 -17.57 3.89 15.44
CA PRO A 99 -17.57 4.96 14.45
C PRO A 99 -18.06 4.51 13.09
N ILE A 100 -18.97 5.25 12.47
CA ILE A 100 -19.45 5.01 11.12
C ILE A 100 -19.29 6.34 10.34
N SER A 101 -19.28 6.29 9.02
CA SER A 101 -19.19 7.54 8.24
C SER A 101 -20.59 7.86 7.70
N ILE A 102 -21.18 6.96 6.94
CA ILE A 102 -22.52 7.11 6.38
C ILE A 102 -23.42 5.99 6.89
N GLY A 103 -22.83 4.82 7.18
CA GLY A 103 -23.56 3.69 7.72
C GLY A 103 -24.31 2.87 6.70
N ARG A 104 -23.89 2.96 5.44
CA ARG A 104 -24.55 2.15 4.39
C ARG A 104 -23.76 0.91 4.08
N ASN A 105 -23.25 0.16 5.04
CA ASN A 105 -22.47 -1.07 4.85
C ASN A 105 -23.40 -2.28 4.81
N SER A 106 -24.48 -2.13 4.02
CA SER A 106 -25.51 -3.13 3.84
C SER A 106 -24.92 -4.39 3.25
N GLY A 107 -25.18 -5.51 3.88
CA GLY A 107 -24.62 -6.80 3.46
C GLY A 107 -23.47 -7.15 4.43
N TYR A 108 -22.96 -6.16 5.16
CA TYR A 108 -21.87 -6.30 6.10
C TYR A 108 -22.28 -5.85 7.50
N GLY A 109 -23.56 -5.55 7.70
CA GLY A 109 -24.08 -5.19 9.00
C GLY A 109 -24.64 -3.78 9.12
N GLY A 110 -24.60 -3.00 8.02
CA GLY A 110 -25.11 -1.65 8.11
C GLY A 110 -24.26 -0.84 9.09
N ALA A 111 -24.92 -0.01 9.89
CA ALA A 111 -24.25 0.82 10.87
C ALA A 111 -24.13 0.17 12.25
N ALA A 112 -24.65 -1.04 12.44
CA ALA A 112 -24.68 -1.69 13.74
C ALA A 112 -23.33 -1.96 14.39
N PRO A 113 -23.27 -1.80 15.71
CA PRO A 113 -22.06 -2.08 16.48
C PRO A 113 -21.81 -3.56 16.68
N ARG A 114 -20.55 -3.98 16.78
CA ARG A 114 -20.27 -5.38 17.05
C ARG A 114 -20.71 -5.70 18.49
N VAL A 115 -20.49 -4.81 19.43
CA VAL A 115 -20.90 -5.00 20.82
C VAL A 115 -22.20 -4.27 21.14
N SER A 116 -23.25 -4.99 21.52
CA SER A 116 -24.52 -4.32 21.89
C SER A 116 -24.35 -3.36 23.05
N GLY A 117 -25.05 -2.21 23.01
CA GLY A 117 -24.89 -1.23 24.07
C GLY A 117 -23.85 -0.16 23.75
N SER A 118 -23.12 -0.30 22.64
CA SER A 118 -22.14 0.67 22.22
C SER A 118 -22.83 1.97 21.82
N VAL A 119 -22.06 3.06 21.82
CA VAL A 119 -22.51 4.32 21.28
C VAL A 119 -22.10 4.30 19.78
N VAL A 120 -23.07 4.51 18.89
CA VAL A 120 -22.72 4.56 17.47
C VAL A 120 -22.29 6.00 17.23
N LEU A 121 -21.07 6.18 16.72
CA LEU A 121 -20.59 7.54 16.46
C LEU A 121 -20.84 7.91 15.00
N ASP A 122 -21.88 8.71 14.77
CA ASP A 122 -22.23 9.13 13.41
C ASP A 122 -21.37 10.32 13.01
N MET A 123 -20.22 10.10 12.41
CA MET A 123 -19.29 11.12 11.98
C MET A 123 -19.73 11.93 10.77
N GLY A 124 -20.53 11.30 9.88
CA GLY A 124 -20.91 12.00 8.68
C GLY A 124 -22.00 13.06 8.73
N LYS A 125 -22.90 12.95 9.68
CA LYS A 125 -24.00 13.92 9.79
C LYS A 125 -23.49 15.37 9.73
N ASN A 126 -22.59 15.71 10.66
CA ASN A 126 -22.03 17.06 10.68
C ASN A 126 -20.65 17.19 10.06
N MET A 127 -19.84 16.13 10.01
CA MET A 127 -18.50 16.21 9.39
C MET A 127 -18.67 15.66 7.98
N ASN A 128 -19.08 16.54 7.10
CA ASN A 128 -19.53 16.47 5.75
C ASN A 128 -18.82 17.05 4.54
N ARG A 129 -17.83 17.88 4.84
CA ARG A 129 -17.19 18.69 3.82
C ARG A 129 -16.22 18.09 2.84
N VAL A 130 -16.33 18.56 1.61
CA VAL A 130 -15.31 18.31 0.59
C VAL A 130 -14.24 19.34 0.98
N LEU A 131 -13.09 18.93 1.53
CA LEU A 131 -12.12 19.91 2.01
C LEU A 131 -11.24 20.48 0.91
N GLU A 132 -10.98 19.75 -0.16
CA GLU A 132 -10.13 20.29 -1.21
C GLU A 132 -10.20 19.39 -2.43
N VAL A 133 -10.19 19.96 -3.61
CA VAL A 133 -10.08 19.21 -4.86
C VAL A 133 -8.88 19.89 -5.54
N ASN A 134 -7.76 19.24 -5.74
CA ASN A 134 -6.57 19.79 -6.35
C ASN A 134 -6.37 19.24 -7.77
N VAL A 135 -6.37 20.15 -8.75
CA VAL A 135 -6.20 19.78 -10.14
C VAL A 135 -4.80 19.31 -10.51
N GLU A 136 -3.76 20.08 -10.25
CA GLU A 136 -2.42 19.71 -10.66
C GLU A 136 -1.91 18.42 -10.03
N GLY A 137 -2.31 18.15 -8.80
CA GLY A 137 -1.90 16.98 -8.04
C GLY A 137 -2.93 15.85 -8.19
N ALA A 138 -4.01 16.14 -8.88
CA ALA A 138 -5.09 15.20 -9.15
C ALA A 138 -5.49 14.38 -7.91
N TYR A 139 -6.05 15.06 -6.90
CA TYR A 139 -6.49 14.44 -5.67
C TYR A 139 -7.64 15.22 -5.05
N CYS A 140 -8.28 14.65 -4.04
CA CYS A 140 -9.32 15.31 -3.27
C CYS A 140 -9.07 14.94 -1.79
N VAL A 141 -9.66 15.71 -0.90
CA VAL A 141 -9.56 15.54 0.54
C VAL A 141 -10.98 15.63 1.11
N VAL A 142 -11.36 14.60 1.86
CA VAL A 142 -12.75 14.49 2.30
C VAL A 142 -12.97 14.13 3.75
N GLU A 143 -14.11 14.54 4.32
CA GLU A 143 -14.57 14.20 5.65
C GLU A 143 -15.47 12.98 5.51
N PRO A 144 -15.84 12.30 6.59
CA PRO A 144 -16.60 11.06 6.61
C PRO A 144 -17.94 11.14 5.91
N GLY A 145 -18.63 12.27 6.05
CA GLY A 145 -19.91 12.59 5.49
C GLY A 145 -19.96 12.79 3.98
N VAL A 146 -18.87 12.92 3.24
CA VAL A 146 -18.95 13.05 1.78
C VAL A 146 -19.27 11.70 1.13
N THR A 147 -20.47 11.58 0.57
CA THR A 147 -20.87 10.41 -0.18
C THR A 147 -20.30 10.55 -1.60
N TYR A 148 -20.28 9.48 -2.38
CA TYR A 148 -19.81 9.56 -3.77
C TYR A 148 -20.70 10.52 -4.58
N HIS A 149 -21.99 10.53 -4.30
CA HIS A 149 -22.92 11.46 -4.91
C HIS A 149 -22.58 12.90 -4.59
N ASP A 150 -22.24 13.25 -3.35
CA ASP A 150 -21.84 14.60 -2.98
C ASP A 150 -20.58 15.07 -3.71
N LEU A 151 -19.53 14.24 -3.81
CA LEU A 151 -18.32 14.65 -4.45
C LEU A 151 -18.58 14.80 -5.96
N HIS A 152 -19.39 13.96 -6.56
CA HIS A 152 -19.83 14.12 -7.94
C HIS A 152 -20.48 15.51 -8.13
N ASN A 153 -21.40 15.85 -7.24
CA ASN A 153 -22.12 17.13 -7.29
C ASN A 153 -21.16 18.31 -7.12
N TYR A 154 -20.19 18.15 -6.22
CA TYR A 154 -19.16 19.15 -6.04
C TYR A 154 -18.34 19.32 -7.32
N LEU A 155 -17.96 18.23 -8.01
CA LEU A 155 -17.20 18.39 -9.24
C LEU A 155 -18.07 19.11 -10.28
N GLU A 156 -19.32 18.68 -10.45
CA GLU A 156 -20.22 19.25 -11.44
C GLU A 156 -20.45 20.73 -11.17
N ALA A 157 -20.76 21.08 -9.93
CA ALA A 157 -21.00 22.47 -9.56
C ALA A 157 -19.82 23.36 -9.94
N ASN A 158 -18.57 22.94 -9.74
CA ASN A 158 -17.43 23.75 -10.12
C ASN A 158 -16.86 23.35 -11.48
N ASN A 159 -17.61 22.67 -12.32
CA ASN A 159 -17.12 22.20 -13.62
C ASN A 159 -15.73 21.58 -13.54
N LEU A 160 -15.62 20.45 -12.84
CA LEU A 160 -14.34 19.76 -12.72
C LEU A 160 -14.39 18.40 -13.38
N ARG A 161 -15.57 18.00 -13.83
CA ARG A 161 -15.76 16.73 -14.53
C ARG A 161 -15.03 16.68 -15.86
N ASP A 162 -14.72 17.83 -16.48
CA ASP A 162 -13.93 17.79 -17.71
C ASP A 162 -12.47 17.51 -17.34
N LYS A 163 -12.08 17.76 -16.10
CA LYS A 163 -10.71 17.54 -15.68
C LYS A 163 -10.47 16.29 -14.86
N LEU A 164 -11.35 15.94 -13.94
CA LEU A 164 -11.09 14.84 -12.99
C LEU A 164 -12.31 13.92 -12.84
N TRP A 165 -12.04 12.60 -12.87
CA TRP A 165 -13.16 11.66 -12.73
C TRP A 165 -13.09 10.95 -11.37
N LEU A 166 -14.23 10.47 -10.92
CA LEU A 166 -14.30 9.69 -9.69
C LEU A 166 -14.25 8.20 -10.02
N ASP A 167 -14.17 7.39 -8.98
CA ASP A 167 -14.17 5.95 -9.05
C ASP A 167 -15.22 5.53 -8.01
N VAL A 168 -16.31 4.94 -8.45
CA VAL A 168 -17.41 4.67 -7.54
C VAL A 168 -17.76 3.18 -7.48
N PRO A 169 -18.24 2.72 -6.35
CA PRO A 169 -18.71 1.35 -6.19
C PRO A 169 -20.08 1.31 -6.85
N ASP A 170 -20.77 0.18 -6.84
CA ASP A 170 -22.05 0.02 -7.45
C ASP A 170 -23.11 1.01 -7.04
N LEU A 171 -23.10 1.47 -5.78
CA LEU A 171 -24.10 2.46 -5.35
C LEU A 171 -23.46 3.79 -4.97
N GLY A 172 -24.08 4.88 -5.36
CA GLY A 172 -23.60 6.21 -5.12
C GLY A 172 -23.70 6.78 -3.73
N GLY A 173 -24.51 6.26 -2.83
CA GLY A 173 -24.67 6.76 -1.48
C GLY A 173 -23.64 6.40 -0.44
N GLY A 174 -22.60 5.64 -0.77
CA GLY A 174 -21.59 5.27 0.21
C GLY A 174 -20.66 6.45 0.50
N SER A 175 -19.97 6.39 1.62
CA SER A 175 -18.98 7.37 2.02
C SER A 175 -17.67 7.11 1.28
N VAL A 176 -17.08 8.13 0.66
CA VAL A 176 -15.81 7.98 -0.02
C VAL A 176 -14.75 7.45 0.94
N LEU A 177 -14.70 8.00 2.15
CA LEU A 177 -13.73 7.60 3.18
C LEU A 177 -14.09 6.27 3.81
N GLY A 178 -15.34 6.06 4.15
CA GLY A 178 -15.74 4.79 4.79
C GLY A 178 -15.48 3.60 3.87
N ASN A 179 -15.80 3.73 2.58
CA ASN A 179 -15.54 2.67 1.63
C ASN A 179 -14.03 2.44 1.50
N ALA A 180 -13.20 3.50 1.50
CA ALA A 180 -11.78 3.32 1.35
C ALA A 180 -11.17 2.62 2.56
N VAL A 181 -11.57 2.97 3.78
CA VAL A 181 -10.99 2.30 4.94
C VAL A 181 -11.43 0.85 5.02
N GLU A 182 -12.55 0.45 4.42
CA GLU A 182 -12.95 -0.95 4.33
C GLU A 182 -12.24 -1.69 3.20
N ARG A 183 -11.40 -0.97 2.41
CA ARG A 183 -10.74 -1.55 1.23
C ARG A 183 -11.72 -2.05 0.17
N GLY A 184 -12.75 -1.23 -0.04
CA GLY A 184 -13.78 -1.47 -1.04
C GLY A 184 -13.21 -1.34 -2.47
N VAL A 185 -14.09 -1.71 -3.39
CA VAL A 185 -13.81 -1.84 -4.79
C VAL A 185 -14.71 -0.96 -5.66
N GLY A 186 -14.04 -0.39 -6.66
CA GLY A 186 -14.70 0.41 -7.69
C GLY A 186 -14.20 -0.15 -9.03
N TYR A 187 -14.69 0.44 -10.13
CA TYR A 187 -14.57 -0.16 -11.45
C TYR A 187 -13.83 0.59 -12.54
N THR A 188 -13.07 1.62 -12.20
CA THR A 188 -12.27 2.30 -13.22
C THR A 188 -10.86 1.78 -12.91
N PRO A 189 -9.84 2.33 -13.52
CA PRO A 189 -8.47 2.00 -13.24
C PRO A 189 -8.05 2.41 -11.84
N TYR A 190 -8.85 3.22 -11.16
CA TYR A 190 -8.54 3.66 -9.80
C TYR A 190 -9.39 2.82 -8.83
N GLY A 191 -9.84 1.65 -9.30
CA GLY A 191 -10.74 0.81 -8.55
C GLY A 191 -10.23 0.31 -7.22
N ASP A 192 -8.96 0.22 -6.91
CA ASP A 192 -8.50 -0.25 -5.61
C ASP A 192 -8.47 0.95 -4.67
N HIS A 193 -9.65 1.24 -4.11
CA HIS A 193 -9.84 2.44 -3.30
C HIS A 193 -8.81 2.71 -2.24
N TRP A 194 -8.46 1.74 -1.39
CA TRP A 194 -7.46 1.85 -0.38
C TRP A 194 -6.13 2.24 -1.00
N MET A 195 -5.73 1.64 -2.13
CA MET A 195 -4.46 2.02 -2.75
C MET A 195 -4.44 3.41 -3.33
N MET A 196 -5.55 4.10 -3.51
CA MET A 196 -5.54 5.46 -4.04
C MET A 196 -5.45 6.54 -2.95
N HIS A 197 -5.33 6.10 -1.68
CA HIS A 197 -5.28 7.09 -0.61
C HIS A 197 -3.91 7.69 -0.36
N SER A 198 -3.92 8.88 0.26
CA SER A 198 -2.61 9.48 0.61
C SER A 198 -2.85 10.60 1.62
N GLY A 199 -2.47 10.42 2.87
CA GLY A 199 -2.58 11.42 3.92
C GLY A 199 -3.92 11.24 4.64
N MET A 200 -3.86 10.69 5.84
CA MET A 200 -5.10 10.54 6.61
C MET A 200 -4.92 11.21 7.99
N GLU A 201 -6.04 11.68 8.51
CA GLU A 201 -6.10 12.24 9.84
C GLU A 201 -6.93 11.28 10.69
N VAL A 202 -6.44 10.99 11.89
CA VAL A 202 -7.04 10.04 12.80
C VAL A 202 -7.12 10.57 14.24
N VAL A 203 -8.21 10.25 14.94
CA VAL A 203 -8.31 10.49 16.38
C VAL A 203 -7.95 9.16 17.05
N LEU A 204 -6.84 9.05 17.76
CA LEU A 204 -6.43 7.78 18.39
C LEU A 204 -7.32 7.51 19.60
N ALA A 205 -7.26 6.30 20.14
CA ALA A 205 -8.01 5.88 21.28
C ALA A 205 -7.66 6.67 22.53
N ASN A 206 -6.44 7.22 22.59
CA ASN A 206 -6.02 8.06 23.69
C ASN A 206 -6.55 9.47 23.49
N GLY A 207 -7.24 9.74 22.36
CA GLY A 207 -7.77 11.05 22.10
C GLY A 207 -6.87 11.97 21.30
N GLU A 208 -5.62 11.59 21.03
CA GLU A 208 -4.73 12.47 20.30
C GLU A 208 -4.92 12.42 18.79
N LEU A 209 -4.60 13.53 18.13
CA LEU A 209 -4.75 13.67 16.70
C LEU A 209 -3.46 13.25 16.00
N LEU A 210 -3.57 12.45 14.96
CA LEU A 210 -2.40 12.00 14.19
C LEU A 210 -2.68 12.18 12.70
N ARG A 211 -1.71 12.53 11.89
CA ARG A 211 -1.75 12.65 10.42
C ARG A 211 -0.66 11.72 9.87
N THR A 212 -1.02 10.86 8.89
CA THR A 212 -0.05 9.88 8.43
C THR A 212 0.85 10.34 7.29
N GLY A 213 1.94 9.61 7.02
CA GLY A 213 2.77 9.94 5.87
C GLY A 213 3.39 11.33 5.95
N MET A 214 3.30 12.01 4.81
CA MET A 214 3.78 13.37 4.60
C MET A 214 2.87 14.37 5.29
N GLY A 215 1.71 13.91 5.76
CA GLY A 215 0.79 14.63 6.61
C GLY A 215 1.44 14.90 7.99
N ALA A 216 2.49 14.20 8.35
CA ALA A 216 3.20 14.41 9.59
C ALA A 216 4.22 15.55 9.43
N LEU A 217 4.55 15.93 8.22
CA LEU A 217 5.46 17.07 7.94
C LEU A 217 4.57 18.30 7.88
N PRO A 218 4.68 19.18 8.89
CA PRO A 218 3.80 20.34 9.01
C PRO A 218 3.92 21.35 7.88
N ASP A 219 2.84 21.99 7.46
CA ASP A 219 2.88 23.04 6.47
C ASP A 219 3.60 24.18 7.21
N PRO A 220 4.58 24.86 6.64
CA PRO A 220 5.35 25.92 7.30
C PRO A 220 4.50 27.08 7.79
N LYS A 221 4.85 27.71 8.91
CA LYS A 221 4.05 28.81 9.40
C LYS A 221 3.84 29.92 8.39
N ARG A 222 2.66 30.50 8.39
CA ARG A 222 2.35 31.69 7.64
C ARG A 222 1.26 32.46 8.39
N PRO A 223 1.24 33.79 8.20
CA PRO A 223 0.33 34.65 8.94
C PRO A 223 -1.11 34.23 8.84
N GLU A 224 -1.56 33.82 7.65
CA GLU A 224 -2.92 33.41 7.38
C GLU A 224 -3.39 32.16 8.11
N THR A 225 -2.49 31.26 8.47
CA THR A 225 -2.85 30.03 9.17
C THR A 225 -2.50 29.97 10.65
N MET A 226 -1.92 31.00 11.23
CA MET A 226 -1.59 31.01 12.65
C MET A 226 -2.78 30.82 13.58
N GLY A 227 -2.58 30.13 14.69
CA GLY A 227 -3.59 29.96 15.69
C GLY A 227 -4.74 29.05 15.39
N LEU A 228 -4.69 28.28 14.31
CA LEU A 228 -5.74 27.32 14.00
C LEU A 228 -5.59 26.08 14.86
N LYS A 229 -6.70 25.47 15.25
CA LYS A 229 -6.66 24.19 15.96
C LYS A 229 -6.01 23.16 15.02
N PRO A 230 -5.38 22.13 15.55
CA PRO A 230 -4.68 21.12 14.77
C PRO A 230 -5.52 20.55 13.65
N GLU A 231 -6.73 20.17 14.00
CA GLU A 231 -7.78 19.67 13.10
C GLU A 231 -8.02 20.59 11.90
N ASP A 232 -7.93 21.92 12.13
CA ASP A 232 -8.22 22.88 11.06
C ASP A 232 -6.98 23.32 10.31
N GLN A 233 -5.78 22.91 10.68
CA GLN A 233 -4.59 23.34 9.94
C GLN A 233 -4.55 22.71 8.56
N PRO A 234 -3.94 23.35 7.59
CA PRO A 234 -3.78 22.81 6.26
C PRO A 234 -2.67 21.77 6.34
N TRP A 235 -2.45 21.04 5.25
CA TRP A 235 -1.45 19.97 5.17
C TRP A 235 -0.23 20.46 4.41
N SER A 236 0.95 19.85 4.51
CA SER A 236 2.05 20.31 3.66
C SER A 236 1.86 19.83 2.22
N LYS A 237 2.68 20.46 1.36
CA LYS A 237 2.56 20.24 -0.08
C LYS A 237 2.54 18.78 -0.52
N ILE A 238 3.40 17.92 0.02
CA ILE A 238 3.41 16.52 -0.43
C ILE A 238 2.44 15.61 0.31
N ALA A 239 1.63 16.05 1.28
CA ALA A 239 0.72 15.21 2.06
C ALA A 239 -0.15 14.25 1.24
N HIS A 240 -0.83 14.72 0.19
CA HIS A 240 -1.69 13.91 -0.64
C HIS A 240 -1.14 13.57 -2.02
N LEU A 241 0.19 13.51 -2.13
CA LEU A 241 0.90 13.15 -3.34
C LEU A 241 1.83 11.94 -3.21
N PHE A 242 2.35 11.67 -2.04
CA PHE A 242 3.28 10.59 -1.74
C PHE A 242 2.79 9.99 -0.42
N PRO A 243 2.35 8.76 -0.44
CA PRO A 243 1.81 8.19 0.78
C PRO A 243 2.67 7.76 1.91
N TYR A 244 3.90 7.40 1.65
CA TYR A 244 4.81 6.84 2.61
C TYR A 244 5.41 7.77 3.67
N GLY A 245 5.62 9.04 3.37
CA GLY A 245 6.29 9.82 4.45
C GLY A 245 7.71 9.32 4.70
N PHE A 246 8.04 9.02 5.95
CA PHE A 246 9.35 8.55 6.36
C PHE A 246 9.18 7.58 7.51
N GLY A 247 10.01 6.56 7.64
CA GLY A 247 9.86 5.62 8.75
C GLY A 247 8.72 4.63 8.48
N PRO A 248 8.22 4.02 9.55
CA PRO A 248 7.16 3.02 9.47
C PRO A 248 5.95 3.55 8.72
N TYR A 249 5.41 2.70 7.84
CA TYR A 249 4.25 3.11 7.02
C TYR A 249 3.03 2.52 7.73
N ILE A 250 2.49 3.22 8.70
CA ILE A 250 1.41 2.78 9.58
C ILE A 250 0.00 2.92 9.02
N ASP A 251 -0.16 3.48 7.82
CA ASP A 251 -1.52 3.68 7.30
C ASP A 251 -2.49 2.51 7.33
N GLY A 252 -2.00 1.35 6.93
CA GLY A 252 -2.74 0.11 6.83
C GLY A 252 -3.29 -0.39 8.16
N LEU A 253 -2.76 0.05 9.28
CA LEU A 253 -3.26 -0.28 10.59
C LEU A 253 -4.61 0.41 10.81
N PHE A 254 -4.96 1.40 9.97
CA PHE A 254 -6.26 2.00 10.13
C PHE A 254 -7.19 1.51 9.05
N SER A 255 -6.99 0.38 8.38
CA SER A 255 -8.03 -0.09 7.44
C SER A 255 -8.52 -1.43 8.03
N GLN A 256 -9.79 -1.67 8.01
CA GLN A 256 -10.50 -2.81 8.53
C GLN A 256 -10.00 -3.04 9.98
N SER A 257 -9.94 -1.97 10.78
CA SER A 257 -9.39 -2.22 12.10
C SER A 257 -10.12 -1.33 13.11
N ASN A 258 -9.70 -1.48 14.37
CA ASN A 258 -10.28 -0.70 15.46
C ASN A 258 -9.14 0.12 16.10
N MET A 259 -8.18 0.50 15.24
CA MET A 259 -7.03 1.23 15.77
C MET A 259 -7.28 2.72 15.87
N GLY A 260 -8.29 3.32 15.29
CA GLY A 260 -8.49 4.76 15.39
C GLY A 260 -9.78 5.22 14.69
N ILE A 261 -10.07 6.49 14.89
CA ILE A 261 -11.28 7.08 14.31
C ILE A 261 -10.79 7.98 13.18
N VAL A 262 -11.16 7.73 11.94
CA VAL A 262 -10.69 8.47 10.78
C VAL A 262 -11.58 9.70 10.59
N THR A 263 -10.92 10.86 10.58
CA THR A 263 -11.67 12.10 10.37
C THR A 263 -11.45 12.69 9.02
N LYS A 264 -10.35 12.41 8.31
CA LYS A 264 -10.09 13.00 6.99
C LYS A 264 -9.29 12.03 6.10
N ILE A 265 -9.36 12.13 4.76
CA ILE A 265 -8.52 11.24 3.95
C ILE A 265 -8.35 11.90 2.58
N GLY A 266 -7.15 11.74 2.02
CA GLY A 266 -6.88 12.22 0.66
C GLY A 266 -7.03 11.01 -0.26
N ILE A 267 -7.70 11.14 -1.40
CA ILE A 267 -7.93 10.14 -2.42
C ILE A 267 -7.53 10.62 -3.83
N TRP A 268 -6.68 9.86 -4.50
CA TRP A 268 -6.17 10.16 -5.83
C TRP A 268 -7.35 10.11 -6.80
N LEU A 269 -7.36 11.05 -7.74
CA LEU A 269 -8.45 11.13 -8.71
C LEU A 269 -7.87 11.09 -10.13
N MET A 270 -8.53 10.29 -10.98
CA MET A 270 -8.09 10.15 -12.36
C MET A 270 -8.47 11.32 -13.28
N PRO A 271 -7.47 11.88 -13.93
CA PRO A 271 -7.68 12.96 -14.89
C PRO A 271 -8.49 12.36 -16.05
N ASN A 272 -9.39 13.14 -16.61
CA ASN A 272 -10.15 12.69 -17.79
C ASN A 272 -9.15 12.06 -18.74
N PRO A 273 -9.34 10.79 -19.12
CA PRO A 273 -8.42 10.09 -20.00
C PRO A 273 -8.48 10.39 -21.48
N GLY A 274 -9.37 11.28 -21.93
CA GLY A 274 -9.32 11.69 -23.35
C GLY A 274 -9.90 10.62 -24.26
N GLY A 275 -10.96 9.94 -23.80
CA GLY A 275 -11.57 8.88 -24.60
C GLY A 275 -12.05 7.76 -23.65
N TYR A 276 -13.24 7.23 -23.96
CA TYR A 276 -13.83 6.18 -23.15
C TYR A 276 -14.85 5.39 -23.95
N GLN A 277 -14.95 4.08 -23.69
CA GLN A 277 -15.96 3.25 -24.32
C GLN A 277 -16.26 1.99 -23.50
N SER A 278 -17.45 1.89 -22.93
CA SER A 278 -17.76 0.68 -22.14
C SER A 278 -18.29 -0.40 -23.08
N TYR A 279 -18.24 -1.65 -22.66
CA TYR A 279 -18.69 -2.77 -23.48
C TYR A 279 -19.14 -3.96 -22.63
N LEU A 280 -19.92 -4.81 -23.29
CA LEU A 280 -20.46 -6.03 -22.72
C LEU A 280 -20.20 -7.21 -23.66
N ILE A 281 -19.63 -8.26 -23.08
CA ILE A 281 -19.35 -9.49 -23.78
C ILE A 281 -20.20 -10.60 -23.15
N THR A 282 -21.13 -11.17 -23.92
CA THR A 282 -21.98 -12.23 -23.38
C THR A 282 -21.39 -13.60 -23.65
N LEU A 283 -21.39 -14.41 -22.60
CA LEU A 283 -20.84 -15.77 -22.47
C LEU A 283 -22.02 -16.74 -22.42
N PRO A 284 -22.26 -17.46 -23.52
CA PRO A 284 -23.40 -18.35 -23.54
C PRO A 284 -23.57 -19.42 -22.50
N LYS A 285 -22.60 -20.25 -22.19
CA LYS A 285 -22.79 -21.37 -21.27
C LYS A 285 -22.31 -21.19 -19.84
N ASP A 286 -22.83 -21.92 -18.86
CA ASP A 286 -22.41 -21.85 -17.46
C ASP A 286 -20.95 -22.23 -17.35
N GLY A 287 -20.54 -23.26 -18.09
CA GLY A 287 -19.15 -23.68 -18.18
C GLY A 287 -18.23 -22.71 -18.90
N ASP A 288 -18.73 -21.68 -19.58
CA ASP A 288 -17.84 -20.73 -20.25
C ASP A 288 -17.09 -19.84 -19.26
N LEU A 289 -17.38 -19.87 -17.96
CA LEU A 289 -16.60 -19.09 -16.98
C LEU A 289 -15.14 -19.52 -17.05
N LYS A 290 -14.89 -20.83 -17.10
CA LYS A 290 -13.53 -21.36 -17.15
C LYS A 290 -12.64 -20.73 -18.22
N GLN A 291 -13.00 -20.90 -19.51
CA GLN A 291 -12.18 -20.34 -20.60
C GLN A 291 -12.11 -18.83 -20.55
N ALA A 292 -13.20 -18.13 -20.24
CA ALA A 292 -13.23 -16.69 -20.13
C ALA A 292 -12.19 -16.16 -19.13
N VAL A 293 -12.20 -16.75 -17.93
CA VAL A 293 -11.24 -16.35 -16.90
C VAL A 293 -9.80 -16.62 -17.35
N ASP A 294 -9.58 -17.75 -18.01
CA ASP A 294 -8.24 -18.02 -18.55
C ASP A 294 -7.92 -16.99 -19.65
N ILE A 295 -8.92 -16.49 -20.37
CA ILE A 295 -8.63 -15.46 -21.39
C ILE A 295 -8.33 -14.15 -20.69
N ILE A 296 -9.09 -13.88 -19.63
CA ILE A 296 -8.92 -12.63 -18.87
C ILE A 296 -7.52 -12.46 -18.30
N ARG A 297 -6.91 -13.52 -17.75
CA ARG A 297 -5.63 -13.51 -17.08
C ARG A 297 -4.51 -12.73 -17.73
N PRO A 298 -4.02 -13.08 -18.92
CA PRO A 298 -2.97 -12.35 -19.59
C PRO A 298 -3.39 -10.94 -19.99
N LEU A 299 -4.65 -10.70 -20.30
CA LEU A 299 -5.19 -9.42 -20.70
C LEU A 299 -5.15 -8.41 -19.54
N ARG A 300 -5.50 -8.89 -18.36
CA ARG A 300 -5.51 -8.14 -17.13
C ARG A 300 -4.07 -7.80 -16.76
N LEU A 301 -3.14 -8.74 -16.87
CA LEU A 301 -1.74 -8.49 -16.55
C LEU A 301 -1.04 -7.58 -17.55
N GLY A 302 -1.48 -7.61 -18.79
CA GLY A 302 -0.88 -6.80 -19.82
C GLY A 302 -1.52 -5.46 -20.09
N MET A 303 -2.55 -5.00 -19.40
CA MET A 303 -3.06 -3.68 -19.77
C MET A 303 -4.03 -3.57 -20.92
N ALA A 304 -4.59 -4.67 -21.44
CA ALA A 304 -5.69 -4.54 -22.39
C ALA A 304 -6.94 -4.25 -21.54
N LEU A 305 -6.92 -4.77 -20.31
CA LEU A 305 -7.98 -4.57 -19.33
C LEU A 305 -7.34 -3.70 -18.23
N GLN A 306 -7.62 -2.42 -18.27
CA GLN A 306 -7.05 -1.40 -17.42
C GLN A 306 -7.81 -1.15 -16.14
N ASN A 307 -9.13 -1.22 -16.17
CA ASN A 307 -10.03 -0.99 -15.05
C ASN A 307 -10.26 -2.25 -14.23
N VAL A 308 -11.40 -2.40 -13.59
CA VAL A 308 -11.75 -3.62 -12.84
C VAL A 308 -13.02 -4.15 -13.51
N PRO A 309 -12.88 -4.95 -14.55
CA PRO A 309 -13.97 -5.49 -15.31
C PRO A 309 -14.66 -6.51 -14.41
N THR A 310 -15.93 -6.82 -14.66
CA THR A 310 -16.68 -7.72 -13.83
C THR A 310 -17.31 -8.82 -14.71
N ILE A 311 -17.44 -9.98 -14.09
CA ILE A 311 -18.06 -11.16 -14.69
C ILE A 311 -19.32 -11.43 -13.88
N ARG A 312 -20.48 -11.01 -14.38
CA ARG A 312 -21.72 -11.14 -13.64
C ARG A 312 -22.57 -12.33 -14.06
N HIS A 313 -23.11 -13.02 -13.07
CA HIS A 313 -23.99 -14.17 -13.26
C HIS A 313 -25.33 -13.66 -13.77
N ILE A 314 -26.00 -14.40 -14.65
CA ILE A 314 -27.30 -13.97 -15.19
C ILE A 314 -28.31 -13.46 -14.18
N LEU A 315 -28.49 -14.09 -13.03
CA LEU A 315 -29.49 -13.59 -12.07
C LEU A 315 -29.15 -12.24 -11.48
N LEU A 316 -27.86 -11.89 -11.42
CA LEU A 316 -27.55 -10.56 -10.85
C LEU A 316 -28.15 -9.52 -11.79
N ASP A 317 -27.91 -9.65 -13.09
CA ASP A 317 -28.54 -8.76 -14.08
C ASP A 317 -30.05 -8.93 -14.10
N ALA A 318 -30.55 -10.17 -14.04
CA ALA A 318 -31.97 -10.41 -14.03
C ALA A 318 -32.65 -9.76 -12.84
N ALA A 319 -32.05 -9.90 -11.65
CA ALA A 319 -32.58 -9.30 -10.44
C ALA A 319 -32.58 -7.79 -10.51
N VAL A 320 -31.58 -7.19 -11.17
CA VAL A 320 -31.63 -5.74 -11.33
C VAL A 320 -32.91 -5.34 -12.06
N LEU A 321 -33.23 -6.06 -13.13
CA LEU A 321 -34.40 -5.81 -13.94
C LEU A 321 -35.74 -6.21 -13.34
N GLY A 322 -35.85 -7.15 -12.41
CA GLY A 322 -37.15 -7.49 -11.83
C GLY A 322 -37.02 -8.50 -10.70
N ASP A 323 -38.03 -8.64 -9.84
CA ASP A 323 -37.94 -9.60 -8.72
C ASP A 323 -38.14 -11.05 -9.17
N LYS A 324 -37.93 -12.03 -8.29
CA LYS A 324 -38.07 -13.42 -8.65
C LYS A 324 -39.46 -13.76 -9.22
N ARG A 325 -40.51 -13.26 -8.56
CA ARG A 325 -41.89 -13.49 -8.92
C ARG A 325 -42.19 -13.04 -10.34
N SER A 326 -41.43 -12.09 -10.90
CA SER A 326 -41.61 -11.66 -12.27
C SER A 326 -40.97 -12.62 -13.27
N TYR A 327 -40.16 -13.59 -12.86
CA TYR A 327 -39.60 -14.54 -13.80
C TYR A 327 -40.13 -15.96 -13.57
N SER A 328 -40.57 -16.28 -12.35
CA SER A 328 -41.00 -17.63 -11.99
C SER A 328 -41.76 -17.59 -10.67
N SER A 329 -42.65 -18.54 -10.40
CA SER A 329 -43.41 -18.46 -9.14
C SER A 329 -43.02 -19.56 -8.16
N ARG A 330 -41.96 -20.30 -8.51
CA ARG A 330 -41.43 -21.35 -7.65
C ARG A 330 -40.78 -20.72 -6.42
N THR A 331 -40.75 -21.46 -5.33
CA THR A 331 -40.17 -21.01 -4.07
C THR A 331 -38.73 -21.49 -4.01
N GLU A 332 -38.52 -22.62 -4.67
CA GLU A 332 -37.20 -23.24 -4.75
C GLU A 332 -36.33 -22.56 -5.80
N PRO A 333 -35.05 -22.89 -5.75
CA PRO A 333 -34.07 -22.34 -6.66
C PRO A 333 -34.39 -22.63 -8.11
N LEU A 334 -34.23 -21.62 -8.97
CA LEU A 334 -34.45 -21.80 -10.39
C LEU A 334 -33.47 -22.82 -10.92
N SER A 335 -33.92 -23.66 -11.85
CA SER A 335 -33.06 -24.68 -12.44
C SER A 335 -32.16 -24.07 -13.50
N ASP A 336 -31.18 -24.86 -13.93
CA ASP A 336 -30.26 -24.50 -15.00
C ASP A 336 -31.02 -24.08 -16.26
N GLU A 337 -31.98 -24.92 -16.63
CA GLU A 337 -32.87 -24.69 -17.76
C GLU A 337 -33.62 -23.37 -17.65
N GLU A 338 -34.15 -23.02 -16.49
CA GLU A 338 -34.81 -21.73 -16.31
C GLU A 338 -33.82 -20.57 -16.41
N LEU A 339 -32.58 -20.80 -15.99
CA LEU A 339 -31.55 -19.74 -16.10
C LEU A 339 -31.27 -19.48 -17.57
N ASP A 340 -31.13 -20.51 -18.39
CA ASP A 340 -30.94 -20.35 -19.83
C ASP A 340 -32.10 -19.57 -20.47
N LYS A 341 -33.33 -19.78 -20.06
CA LYS A 341 -34.49 -19.08 -20.60
C LYS A 341 -34.45 -17.60 -20.25
N ILE A 342 -34.07 -17.29 -19.00
CA ILE A 342 -33.97 -15.88 -18.60
C ILE A 342 -32.92 -15.19 -19.45
N ALA A 343 -31.78 -15.84 -19.69
CA ALA A 343 -30.70 -15.30 -20.49
C ALA A 343 -31.19 -14.90 -21.86
N LYS A 344 -31.86 -15.85 -22.51
CA LYS A 344 -32.49 -15.66 -23.82
C LYS A 344 -33.47 -14.50 -23.79
N GLN A 345 -34.39 -14.41 -22.83
CA GLN A 345 -35.31 -13.29 -22.73
C GLN A 345 -34.60 -11.94 -22.63
N LEU A 346 -33.48 -11.86 -21.93
CA LEU A 346 -32.78 -10.60 -21.75
C LEU A 346 -31.70 -10.39 -22.80
N ASN A 347 -31.43 -11.40 -23.63
CA ASN A 347 -30.35 -11.28 -24.61
C ASN A 347 -28.98 -11.19 -23.93
N LEU A 348 -28.82 -12.00 -22.89
CA LEU A 348 -27.57 -12.03 -22.13
C LEU A 348 -27.06 -13.46 -22.14
N GLY A 349 -25.88 -13.69 -21.59
CA GLY A 349 -25.36 -15.06 -21.53
C GLY A 349 -25.64 -15.58 -20.11
N ARG A 350 -25.11 -16.75 -19.79
CA ARG A 350 -25.21 -17.24 -18.40
C ARG A 350 -24.23 -16.44 -17.52
N TRP A 351 -23.14 -15.95 -18.10
CA TRP A 351 -22.11 -15.13 -17.50
C TRP A 351 -21.96 -13.90 -18.40
N ASN A 352 -21.75 -12.70 -17.85
CA ASN A 352 -21.74 -11.49 -18.67
C ASN A 352 -20.55 -10.63 -18.28
N PHE A 353 -19.64 -10.38 -19.22
CA PHE A 353 -18.40 -9.66 -18.91
C PHE A 353 -18.56 -8.18 -19.26
N TYR A 354 -18.43 -7.31 -18.24
CA TYR A 354 -18.57 -5.88 -18.40
C TYR A 354 -17.21 -5.20 -18.27
N GLY A 355 -16.83 -4.38 -19.24
CA GLY A 355 -15.51 -3.75 -19.18
C GLY A 355 -15.46 -2.37 -19.83
N ALA A 356 -14.29 -1.74 -19.88
CA ALA A 356 -14.20 -0.42 -20.53
C ALA A 356 -12.78 -0.12 -20.99
N LEU A 357 -12.65 0.69 -22.03
CA LEU A 357 -11.41 1.10 -22.67
C LEU A 357 -11.37 2.62 -22.48
N TYR A 358 -10.19 3.06 -22.14
CA TYR A 358 -9.95 4.45 -21.79
C TYR A 358 -8.86 5.05 -22.67
N GLY A 359 -8.93 6.34 -22.97
CA GLY A 359 -7.82 6.95 -23.73
C GLY A 359 -8.13 7.16 -25.21
N PRO A 360 -7.12 7.67 -25.93
CA PRO A 360 -7.28 8.06 -27.32
C PRO A 360 -7.85 6.94 -28.20
N GLU A 361 -8.68 7.34 -29.16
CA GLU A 361 -9.26 6.34 -30.08
C GLU A 361 -8.26 5.36 -30.65
N PRO A 362 -7.14 5.81 -31.22
CA PRO A 362 -6.13 4.93 -31.78
C PRO A 362 -5.64 3.86 -30.81
N ILE A 363 -5.47 4.15 -29.53
CA ILE A 363 -5.05 3.11 -28.58
C ILE A 363 -6.22 2.23 -28.22
N ARG A 364 -7.42 2.78 -28.03
CA ARG A 364 -8.57 1.95 -27.66
C ARG A 364 -8.85 0.93 -28.76
N ARG A 365 -8.73 1.36 -30.01
CA ARG A 365 -9.01 0.51 -31.16
C ARG A 365 -8.12 -0.72 -31.11
N VAL A 366 -6.82 -0.53 -30.92
CA VAL A 366 -5.87 -1.62 -30.85
C VAL A 366 -6.17 -2.61 -29.72
N LEU A 367 -6.54 -2.09 -28.55
CA LEU A 367 -6.83 -2.96 -27.40
C LEU A 367 -8.17 -3.67 -27.59
N TRP A 368 -9.12 -2.93 -28.16
CA TRP A 368 -10.43 -3.53 -28.44
C TRP A 368 -10.27 -4.70 -29.42
N GLU A 369 -9.46 -4.57 -30.47
CA GLU A 369 -9.28 -5.70 -31.41
C GLU A 369 -8.64 -6.88 -30.67
N THR A 370 -7.69 -6.62 -29.78
CA THR A 370 -7.05 -7.64 -28.97
C THR A 370 -8.10 -8.34 -28.08
N ILE A 371 -8.93 -7.57 -27.39
CA ILE A 371 -9.98 -8.12 -26.57
C ILE A 371 -10.96 -8.95 -27.40
N LYS A 372 -11.56 -8.44 -28.46
CA LYS A 372 -12.45 -9.20 -29.33
C LYS A 372 -11.81 -10.48 -29.86
N ASP A 373 -10.61 -10.37 -30.39
CA ASP A 373 -9.90 -11.53 -30.94
C ASP A 373 -9.79 -12.64 -29.91
N ALA A 374 -9.37 -12.30 -28.69
CA ALA A 374 -9.16 -13.28 -27.64
C ALA A 374 -10.46 -13.93 -27.21
N PHE A 375 -11.51 -13.12 -27.01
CA PHE A 375 -12.78 -13.66 -26.55
C PHE A 375 -13.51 -14.45 -27.61
N SER A 376 -13.23 -14.28 -28.90
CA SER A 376 -13.86 -15.01 -29.99
C SER A 376 -13.54 -16.50 -29.95
N ALA A 377 -12.61 -16.95 -29.13
CA ALA A 377 -12.26 -18.34 -28.96
C ALA A 377 -13.37 -19.10 -28.24
N ILE A 378 -14.31 -18.42 -27.59
CA ILE A 378 -15.47 -19.00 -26.96
C ILE A 378 -16.66 -18.90 -27.92
N PRO A 379 -17.30 -20.02 -28.21
CA PRO A 379 -18.37 -20.05 -29.19
C PRO A 379 -19.58 -19.25 -28.77
N GLY A 380 -20.22 -18.58 -29.73
CA GLY A 380 -21.43 -17.82 -29.48
C GLY A 380 -21.27 -16.58 -28.62
N VAL A 381 -20.03 -16.10 -28.53
CA VAL A 381 -19.79 -14.85 -27.77
C VAL A 381 -20.41 -13.71 -28.58
N LYS A 382 -21.01 -12.72 -27.98
CA LYS A 382 -21.56 -11.56 -28.69
C LYS A 382 -21.01 -10.30 -28.00
N PHE A 383 -20.76 -9.24 -28.75
CA PHE A 383 -20.23 -8.00 -28.23
C PHE A 383 -21.20 -6.84 -28.40
N TYR A 384 -21.43 -6.07 -27.34
CA TYR A 384 -22.30 -4.92 -27.35
C TYR A 384 -21.71 -3.64 -26.76
N PHE A 385 -22.12 -2.51 -27.31
CA PHE A 385 -21.79 -1.18 -26.75
C PHE A 385 -23.13 -0.72 -26.19
N PRO A 386 -23.18 0.24 -25.27
CA PRO A 386 -24.41 0.67 -24.65
C PRO A 386 -25.58 0.91 -25.57
N GLU A 387 -25.32 1.57 -26.70
CA GLU A 387 -26.28 1.91 -27.72
C GLU A 387 -26.97 0.72 -28.37
N ASP A 388 -26.36 -0.45 -28.38
CA ASP A 388 -26.88 -1.66 -28.97
C ASP A 388 -27.78 -2.44 -28.03
N THR A 389 -28.05 -1.93 -26.83
CA THR A 389 -28.84 -2.61 -25.82
C THR A 389 -30.07 -1.75 -25.52
N PRO A 390 -31.07 -2.33 -24.88
CA PRO A 390 -32.27 -1.61 -24.51
C PRO A 390 -31.99 -0.54 -23.48
N GLU A 391 -32.98 0.32 -23.27
CA GLU A 391 -32.94 1.44 -22.37
C GLU A 391 -32.73 1.10 -20.90
N ASN A 392 -33.27 -0.01 -20.44
CA ASN A 392 -33.19 -0.44 -19.05
C ASN A 392 -32.02 -1.39 -18.80
N SER A 393 -31.11 -1.53 -19.75
CA SER A 393 -30.01 -2.47 -19.61
C SER A 393 -29.03 -2.11 -18.51
N VAL A 394 -28.38 -3.17 -18.00
CA VAL A 394 -27.34 -3.04 -17.00
C VAL A 394 -26.12 -2.39 -17.65
N LEU A 395 -25.85 -2.67 -18.93
CA LEU A 395 -24.71 -2.06 -19.60
C LEU A 395 -24.80 -0.53 -19.59
N ARG A 396 -26.01 0.02 -19.71
CA ARG A 396 -26.20 1.46 -19.71
C ARG A 396 -25.93 2.01 -18.32
N VAL A 397 -26.31 1.28 -17.28
CA VAL A 397 -26.02 1.68 -15.92
C VAL A 397 -24.52 1.58 -15.70
N ARG A 398 -23.90 0.46 -16.06
CA ARG A 398 -22.46 0.29 -15.83
C ARG A 398 -21.58 1.19 -16.67
N ASP A 399 -22.09 1.70 -17.78
CA ASP A 399 -21.38 2.67 -18.62
C ASP A 399 -21.12 3.92 -17.78
N LYS A 400 -22.09 4.30 -16.94
CA LYS A 400 -21.89 5.43 -16.03
C LYS A 400 -20.91 5.05 -14.91
N THR A 401 -21.11 3.86 -14.34
CA THR A 401 -20.28 3.39 -13.24
C THR A 401 -18.79 3.35 -13.59
N MET A 402 -18.47 2.83 -14.78
CA MET A 402 -17.08 2.71 -15.20
C MET A 402 -16.41 4.01 -15.66
N GLN A 403 -17.08 5.13 -15.57
CA GLN A 403 -16.55 6.45 -15.83
C GLN A 403 -16.71 7.31 -14.58
N GLY A 404 -17.03 6.66 -13.45
CA GLY A 404 -17.17 7.31 -12.18
C GLY A 404 -18.43 8.09 -11.87
N ILE A 405 -19.51 7.82 -12.61
CA ILE A 405 -20.79 8.50 -12.35
C ILE A 405 -21.66 7.60 -11.48
N PRO A 406 -22.11 8.13 -10.34
CA PRO A 406 -22.91 7.39 -9.40
C PRO A 406 -24.34 7.12 -9.78
N THR A 407 -24.82 5.91 -9.49
CA THR A 407 -26.17 5.45 -9.77
C THR A 407 -26.69 4.64 -8.58
N TYR A 408 -27.98 4.28 -8.62
CA TYR A 408 -28.67 3.55 -7.57
C TYR A 408 -29.46 2.37 -8.11
N ASP A 409 -29.31 2.09 -9.40
CA ASP A 409 -30.06 1.01 -10.06
C ASP A 409 -29.82 -0.36 -9.45
N GLU A 410 -28.56 -0.69 -9.17
CA GLU A 410 -28.17 -1.98 -8.62
C GLU A 410 -28.76 -2.33 -7.27
N LEU A 411 -29.42 -1.45 -6.55
CA LEU A 411 -30.08 -1.76 -5.29
C LEU A 411 -31.27 -2.70 -5.52
N LYS A 412 -31.84 -2.65 -6.71
CA LYS A 412 -32.99 -3.49 -7.05
C LYS A 412 -32.75 -4.97 -6.91
N TRP A 413 -31.55 -5.55 -7.01
CA TRP A 413 -31.39 -6.98 -6.83
C TRP A 413 -31.71 -7.42 -5.39
N ILE A 414 -31.57 -6.54 -4.41
CA ILE A 414 -31.85 -6.86 -3.03
C ILE A 414 -33.30 -7.32 -2.89
N ASP A 415 -34.24 -6.72 -3.64
CA ASP A 415 -35.63 -7.10 -3.61
C ASP A 415 -35.94 -8.36 -4.42
N TRP A 416 -34.98 -9.21 -4.73
CA TRP A 416 -35.22 -10.45 -5.46
C TRP A 416 -36.29 -11.25 -4.71
N LEU A 417 -36.24 -11.32 -3.38
CA LEU A 417 -37.27 -12.01 -2.62
C LEU A 417 -38.15 -10.97 -1.92
N PRO A 418 -39.36 -11.38 -1.57
CA PRO A 418 -40.33 -10.54 -0.89
C PRO A 418 -39.75 -9.59 0.13
N ASN A 419 -39.25 -10.05 1.27
CA ASN A 419 -38.62 -9.11 2.21
C ASN A 419 -37.11 -9.18 2.15
N GLY A 420 -36.63 -9.15 0.91
CA GLY A 420 -35.22 -9.29 0.65
C GLY A 420 -34.38 -8.44 1.60
N ALA A 421 -33.36 -9.09 2.08
CA ALA A 421 -32.29 -8.57 2.91
C ALA A 421 -31.12 -9.35 2.31
N HIS A 422 -29.94 -8.77 2.31
CA HIS A 422 -28.81 -9.45 1.66
C HIS A 422 -27.68 -9.64 2.67
N LEU A 423 -26.81 -10.57 2.39
CA LEU A 423 -25.60 -10.81 3.18
C LEU A 423 -24.55 -11.13 2.13
N PHE A 424 -23.36 -10.57 2.18
CA PHE A 424 -22.33 -10.89 1.22
C PHE A 424 -21.32 -11.93 1.73
N PHE A 425 -21.07 -12.95 0.92
CA PHE A 425 -20.01 -13.94 1.23
C PHE A 425 -18.92 -13.55 0.24
N SER A 426 -17.74 -13.14 0.71
CA SER A 426 -16.74 -12.60 -0.20
C SER A 426 -15.30 -13.09 -0.23
N PRO A 427 -15.10 -14.31 -0.73
CA PRO A 427 -13.80 -14.89 -0.94
C PRO A 427 -13.02 -14.35 -2.14
N ILE A 428 -11.73 -14.61 -2.15
CA ILE A 428 -10.83 -14.22 -3.23
C ILE A 428 -10.41 -15.49 -3.98
N ALA A 429 -10.36 -15.42 -5.31
CA ALA A 429 -9.98 -16.54 -6.14
C ALA A 429 -8.80 -16.14 -7.03
N LYS A 430 -8.06 -17.09 -7.56
CA LYS A 430 -6.98 -16.77 -8.48
C LYS A 430 -7.62 -16.34 -9.80
N VAL A 431 -6.89 -15.67 -10.69
CA VAL A 431 -7.48 -15.36 -12.00
C VAL A 431 -7.15 -16.58 -12.88
N SER A 432 -7.80 -17.70 -12.65
CA SER A 432 -7.58 -18.92 -13.42
C SER A 432 -8.92 -19.64 -13.53
N GLY A 433 -9.26 -20.09 -14.75
CA GLY A 433 -10.55 -20.73 -14.99
C GLY A 433 -10.77 -21.90 -14.02
N GLU A 434 -9.77 -22.73 -13.84
CA GLU A 434 -9.85 -23.87 -12.93
C GLU A 434 -10.21 -23.46 -11.51
N ASP A 435 -9.53 -22.44 -10.96
CA ASP A 435 -9.79 -22.00 -9.60
C ASP A 435 -11.17 -21.36 -9.52
N ALA A 436 -11.54 -20.52 -10.47
CA ALA A 436 -12.86 -19.88 -10.43
C ALA A 436 -14.01 -20.88 -10.49
N MET A 437 -13.85 -21.91 -11.35
CA MET A 437 -14.87 -22.94 -11.51
C MET A 437 -15.02 -23.76 -10.22
N MET A 438 -13.89 -24.09 -9.62
CA MET A 438 -13.96 -24.84 -8.34
C MET A 438 -14.63 -24.03 -7.23
N GLN A 439 -14.38 -22.72 -7.15
CA GLN A 439 -15.00 -21.93 -6.08
C GLN A 439 -16.48 -21.76 -6.34
N TYR A 440 -16.85 -21.45 -7.56
CA TYR A 440 -18.25 -21.32 -7.95
C TYR A 440 -19.03 -22.63 -7.69
N ALA A 441 -18.39 -23.75 -8.03
CA ALA A 441 -19.03 -25.07 -7.85
C ALA A 441 -19.28 -25.33 -6.35
N VAL A 442 -18.25 -25.01 -5.56
CA VAL A 442 -18.39 -25.17 -4.10
C VAL A 442 -19.57 -24.36 -3.60
N THR A 443 -19.56 -23.07 -3.92
CA THR A 443 -20.58 -22.14 -3.49
C THR A 443 -21.96 -22.37 -4.07
N LYS A 444 -22.03 -22.75 -5.35
CA LYS A 444 -23.34 -23.01 -5.96
C LYS A 444 -23.97 -24.20 -5.22
N LYS A 445 -23.22 -25.27 -4.99
CA LYS A 445 -23.75 -26.44 -4.30
C LYS A 445 -24.37 -26.14 -2.95
N ARG A 446 -23.64 -25.41 -2.10
CA ARG A 446 -24.17 -25.07 -0.77
C ARG A 446 -25.39 -24.19 -0.85
N CYS A 447 -25.43 -23.25 -1.81
CA CYS A 447 -26.59 -22.37 -1.97
C CYS A 447 -27.85 -23.19 -2.24
N GLN A 448 -27.68 -24.23 -3.06
CA GLN A 448 -28.79 -25.11 -3.38
C GLN A 448 -29.19 -25.94 -2.18
N GLU A 449 -28.24 -26.40 -1.35
CA GLU A 449 -28.62 -27.13 -0.13
C GLU A 449 -29.45 -26.25 0.79
N ALA A 450 -29.24 -24.94 0.84
CA ALA A 450 -29.98 -24.04 1.69
C ALA A 450 -31.33 -23.62 1.11
N GLY A 451 -31.62 -23.93 -0.15
CA GLY A 451 -32.92 -23.51 -0.72
C GLY A 451 -32.81 -22.13 -1.36
N LEU A 452 -31.58 -21.77 -1.75
CA LEU A 452 -31.40 -20.44 -2.32
C LEU A 452 -30.80 -20.44 -3.73
N ASP A 453 -31.18 -19.43 -4.49
CA ASP A 453 -30.63 -19.21 -5.82
C ASP A 453 -29.18 -18.70 -5.73
N PHE A 454 -28.26 -19.18 -6.51
CA PHE A 454 -26.91 -18.64 -6.55
C PHE A 454 -27.04 -17.28 -7.28
N ILE A 455 -26.48 -16.22 -6.69
CA ILE A 455 -26.43 -14.89 -7.26
C ILE A 455 -25.03 -14.34 -6.99
N GLY A 456 -24.30 -13.86 -8.00
CA GLY A 456 -22.96 -13.39 -7.77
C GLY A 456 -22.23 -12.69 -8.91
N THR A 457 -21.09 -12.09 -8.53
CA THR A 457 -20.20 -11.46 -9.47
C THR A 457 -18.73 -11.83 -9.12
N PHE A 458 -17.85 -11.71 -10.13
CA PHE A 458 -16.43 -11.71 -9.93
C PHE A 458 -15.95 -10.29 -10.35
N THR A 459 -15.15 -9.66 -9.51
CA THR A 459 -14.56 -8.37 -9.84
C THR A 459 -13.10 -8.70 -10.10
N VAL A 460 -12.60 -8.24 -11.24
CA VAL A 460 -11.25 -8.62 -11.65
C VAL A 460 -10.15 -7.65 -11.26
N GLY A 461 -9.39 -8.10 -10.25
CA GLY A 461 -8.23 -7.35 -9.74
C GLY A 461 -7.08 -7.83 -10.65
N MET A 462 -5.89 -7.32 -10.47
CA MET A 462 -4.79 -7.64 -11.36
C MET A 462 -4.31 -9.10 -11.39
N ARG A 463 -4.17 -9.68 -10.19
CA ARG A 463 -3.71 -11.05 -10.03
C ARG A 463 -4.68 -11.81 -9.13
N GLU A 464 -5.88 -11.30 -8.92
CA GLU A 464 -6.86 -11.98 -8.08
C GLU A 464 -8.25 -11.54 -8.51
N MET A 465 -9.28 -12.22 -8.05
CA MET A 465 -10.65 -11.84 -8.33
C MET A 465 -11.41 -11.79 -7.01
N HIS A 466 -12.25 -10.79 -6.80
CA HIS A 466 -13.10 -10.76 -5.61
C HIS A 466 -14.39 -11.45 -6.07
N HIS A 467 -14.80 -12.53 -5.43
CA HIS A 467 -16.00 -13.24 -5.78
C HIS A 467 -17.09 -12.95 -4.77
N ILE A 468 -17.97 -12.05 -5.16
CA ILE A 468 -19.02 -11.52 -4.31
C ILE A 468 -20.31 -12.33 -4.48
N VAL A 469 -20.56 -13.21 -3.51
CA VAL A 469 -21.75 -14.03 -3.50
C VAL A 469 -22.82 -13.28 -2.69
N CYS A 470 -23.90 -12.93 -3.37
CA CYS A 470 -24.98 -12.16 -2.79
C CYS A 470 -26.09 -13.11 -2.35
N ILE A 471 -26.11 -13.44 -1.06
CA ILE A 471 -27.12 -14.33 -0.50
C ILE A 471 -28.35 -13.48 -0.21
N VAL A 472 -29.48 -13.70 -0.91
CA VAL A 472 -30.61 -12.84 -0.54
C VAL A 472 -31.70 -13.70 0.08
N PHE A 473 -32.36 -13.14 1.08
CA PHE A 473 -33.33 -13.90 1.86
C PHE A 473 -34.47 -13.02 2.34
N ASN A 474 -35.49 -13.67 2.86
CA ASN A 474 -36.65 -12.97 3.41
C ASN A 474 -36.34 -12.65 4.87
N LYS A 475 -36.17 -11.39 5.23
CA LYS A 475 -35.80 -11.01 6.59
C LYS A 475 -36.81 -11.35 7.67
N LYS A 476 -38.04 -11.74 7.32
CA LYS A 476 -39.04 -12.10 8.31
C LYS A 476 -39.20 -13.62 8.39
N ASP A 477 -38.53 -14.35 7.53
CA ASP A 477 -38.59 -15.82 7.51
C ASP A 477 -37.57 -16.49 8.41
N LEU A 478 -37.93 -16.80 9.65
CA LEU A 478 -37.14 -17.44 10.66
C LEU A 478 -36.32 -18.66 10.24
N ILE A 479 -36.96 -19.60 9.58
CA ILE A 479 -36.35 -20.83 9.08
C ILE A 479 -35.34 -20.54 8.00
N GLN A 480 -35.62 -19.56 7.14
CA GLN A 480 -34.66 -19.23 6.07
C GLN A 480 -33.49 -18.46 6.67
N LYS A 481 -33.73 -17.64 7.69
CA LYS A 481 -32.66 -16.90 8.35
C LYS A 481 -31.62 -17.86 8.92
N ARG A 482 -32.09 -18.93 9.54
CA ARG A 482 -31.21 -19.97 10.11
C ARG A 482 -30.44 -20.69 9.03
N LYS A 483 -31.10 -21.00 7.91
CA LYS A 483 -30.45 -21.62 6.77
C LYS A 483 -29.37 -20.69 6.22
N VAL A 484 -29.60 -19.39 6.23
CA VAL A 484 -28.63 -18.40 5.79
C VAL A 484 -27.45 -18.45 6.75
N GLN A 485 -27.74 -18.50 8.06
CA GLN A 485 -26.60 -18.60 8.99
C GLN A 485 -25.82 -19.88 8.74
N TRP A 486 -26.47 -21.00 8.44
CA TRP A 486 -25.75 -22.24 8.17
C TRP A 486 -24.86 -22.15 6.93
N LEU A 487 -25.42 -21.61 5.86
CA LEU A 487 -24.77 -21.45 4.57
C LEU A 487 -23.45 -20.68 4.65
N MET A 488 -23.55 -19.53 5.30
CA MET A 488 -22.37 -18.66 5.49
C MET A 488 -21.25 -19.39 6.19
N ARG A 489 -21.60 -19.86 7.42
CA ARG A 489 -20.58 -20.57 8.21
C ARG A 489 -20.03 -21.77 7.50
N THR A 490 -20.84 -22.54 6.77
CA THR A 490 -20.36 -23.70 6.02
C THR A 490 -19.52 -23.20 4.86
N LEU A 491 -19.94 -22.15 4.16
CA LEU A 491 -19.02 -21.70 3.07
C LEU A 491 -17.64 -21.24 3.51
N ILE A 492 -17.61 -20.58 4.67
CA ILE A 492 -16.35 -20.10 5.25
C ILE A 492 -15.42 -21.29 5.44
N ASP A 493 -15.92 -22.32 6.12
CA ASP A 493 -15.10 -23.51 6.34
C ASP A 493 -14.76 -24.22 5.03
N ASP A 494 -15.74 -24.45 4.15
CA ASP A 494 -15.41 -25.10 2.87
C ASP A 494 -14.33 -24.33 2.09
N CYS A 495 -14.48 -23.00 2.02
CA CYS A 495 -13.50 -22.20 1.25
C CYS A 495 -12.13 -22.24 1.85
N ALA A 496 -11.99 -22.19 3.19
CA ALA A 496 -10.66 -22.28 3.80
C ALA A 496 -10.02 -23.64 3.56
N ALA A 497 -10.80 -24.73 3.57
CA ALA A 497 -10.25 -26.06 3.29
C ALA A 497 -9.77 -26.21 1.86
N ASN A 498 -10.10 -25.29 0.95
CA ASN A 498 -9.65 -25.26 -0.41
C ASN A 498 -8.68 -24.08 -0.64
N GLY A 499 -8.13 -23.50 0.43
CA GLY A 499 -7.18 -22.43 0.30
C GLY A 499 -7.64 -21.02 -0.03
N TRP A 500 -8.90 -20.68 0.19
CA TRP A 500 -9.43 -19.37 -0.06
C TRP A 500 -9.91 -18.70 1.24
N GLY A 501 -9.59 -17.41 1.41
CA GLY A 501 -10.10 -16.66 2.54
C GLY A 501 -10.97 -15.52 2.04
N GLU A 502 -11.76 -14.93 2.92
CA GLU A 502 -12.65 -13.81 2.57
C GLU A 502 -11.95 -12.47 2.84
N TYR A 503 -12.24 -11.45 2.03
CA TYR A 503 -11.56 -10.18 2.20
C TYR A 503 -12.30 -9.20 3.12
N ARG A 504 -13.59 -9.42 3.30
CA ARG A 504 -14.42 -8.51 4.10
C ARG A 504 -15.66 -9.23 4.63
N THR A 505 -16.30 -8.96 5.75
CA THR A 505 -17.49 -9.63 6.21
C THR A 505 -18.41 -8.80 7.14
N HIS A 506 -19.54 -9.45 7.40
CA HIS A 506 -20.56 -8.94 8.30
C HIS A 506 -20.12 -9.18 9.74
N LEU A 507 -20.52 -8.28 10.62
CA LEU A 507 -20.31 -8.37 12.04
C LEU A 507 -20.44 -9.77 12.63
N ALA A 508 -21.43 -10.60 12.29
CA ALA A 508 -21.63 -11.93 12.85
C ALA A 508 -20.66 -13.00 12.43
N PHE A 509 -19.81 -12.77 11.44
CA PHE A 509 -18.86 -13.74 10.92
C PHE A 509 -17.42 -13.30 11.04
N MET A 510 -17.22 -12.12 11.62
CA MET A 510 -15.84 -11.61 11.75
C MET A 510 -14.93 -12.54 12.52
N ASP A 511 -15.40 -13.12 13.64
CA ASP A 511 -14.52 -14.01 14.42
C ASP A 511 -14.23 -15.25 13.63
N GLN A 512 -15.35 -15.83 13.10
CA GLN A 512 -15.10 -17.07 12.33
C GLN A 512 -14.12 -16.84 11.20
N ILE A 513 -14.25 -15.70 10.48
CA ILE A 513 -13.30 -15.46 9.38
C ILE A 513 -11.92 -15.15 9.91
N MET A 514 -11.73 -14.36 10.98
CA MET A 514 -10.37 -14.18 11.50
C MET A 514 -9.74 -15.50 11.91
N GLU A 515 -10.49 -16.47 12.47
CA GLU A 515 -9.91 -17.75 12.89
C GLU A 515 -9.38 -18.60 11.73
N THR A 516 -9.83 -18.34 10.52
CA THR A 516 -9.39 -18.96 9.27
C THR A 516 -7.97 -18.54 8.94
N TYR A 517 -7.57 -17.34 9.32
CA TYR A 517 -6.23 -16.79 9.10
C TYR A 517 -5.31 -17.14 10.29
N ASN A 518 -5.26 -18.43 10.61
CA ASN A 518 -4.55 -18.96 11.74
C ASN A 518 -3.23 -19.67 11.49
N TRP A 519 -2.54 -19.40 10.39
CA TRP A 519 -1.22 -20.01 10.19
C TRP A 519 -0.32 -19.77 11.42
N ASN A 520 0.52 -20.77 11.69
CA ASN A 520 1.44 -20.78 12.81
C ASN A 520 0.71 -20.43 14.10
N ASN A 521 -0.33 -21.18 14.42
CA ASN A 521 -1.05 -21.03 15.69
C ASN A 521 -1.59 -19.63 15.93
N SER A 522 -2.24 -19.05 14.92
CA SER A 522 -2.88 -17.75 15.04
C SER A 522 -1.92 -16.59 15.32
N SER A 523 -0.72 -16.67 14.78
CA SER A 523 0.26 -15.60 14.96
C SER A 523 -0.25 -14.22 14.56
N PHE A 524 -0.96 -14.13 13.46
CA PHE A 524 -1.49 -12.90 12.91
C PHE A 524 -2.41 -12.23 13.91
N LEU A 525 -3.42 -12.94 14.41
CA LEU A 525 -4.31 -12.33 15.42
C LEU A 525 -3.61 -11.98 16.73
N ARG A 526 -2.71 -12.84 17.24
CA ARG A 526 -1.96 -12.52 18.45
C ARG A 526 -1.19 -11.19 18.27
N PHE A 527 -0.46 -11.01 17.19
CA PHE A 527 0.28 -9.78 16.91
C PHE A 527 -0.69 -8.60 16.86
N ASN A 528 -1.83 -8.70 16.17
CA ASN A 528 -2.78 -7.60 16.17
C ASN A 528 -3.33 -7.27 17.56
N GLU A 529 -3.61 -8.26 18.39
CA GLU A 529 -4.09 -7.97 19.75
C GLU A 529 -3.07 -7.21 20.58
N VAL A 530 -1.80 -7.53 20.44
CA VAL A 530 -0.72 -6.82 21.10
C VAL A 530 -0.74 -5.34 20.73
N LEU A 531 -0.87 -5.03 19.44
CA LEU A 531 -0.96 -3.67 18.97
C LEU A 531 -2.22 -2.95 19.45
N LYS A 532 -3.35 -3.64 19.44
CA LYS A 532 -4.60 -3.05 19.94
C LYS A 532 -4.57 -2.71 21.43
N ASN A 533 -4.02 -3.59 22.27
CA ASN A 533 -4.02 -3.36 23.70
C ASN A 533 -3.08 -2.24 24.12
N ALA A 534 -2.00 -2.06 23.33
CA ALA A 534 -1.05 -1.00 23.60
C ALA A 534 -1.63 0.36 23.23
N VAL A 535 -2.34 0.48 22.11
CA VAL A 535 -2.83 1.80 21.74
C VAL A 535 -4.18 2.12 22.37
N ASP A 536 -4.92 1.13 22.83
CA ASP A 536 -6.25 1.25 23.38
C ASP A 536 -6.41 0.44 24.66
N PRO A 537 -5.75 0.90 25.73
CA PRO A 537 -5.72 0.29 27.05
C PRO A 537 -7.07 0.16 27.69
N ASN A 538 -8.10 1.01 27.42
CA ASN A 538 -9.41 0.81 28.00
C ASN A 538 -10.33 0.08 27.04
N GLY A 539 -9.86 -0.31 25.86
CA GLY A 539 -10.65 -0.99 24.86
C GLY A 539 -11.96 -0.36 24.43
N ILE A 540 -12.04 0.94 24.24
CA ILE A 540 -13.19 1.69 23.84
C ILE A 540 -13.40 1.81 22.34
N ILE A 541 -12.44 1.57 21.46
CA ILE A 541 -12.68 1.78 20.04
C ILE A 541 -13.09 0.48 19.35
N ALA A 542 -14.36 0.42 18.93
CA ALA A 542 -14.90 -0.73 18.23
C ALA A 542 -14.39 -2.12 18.58
N PRO A 543 -14.52 -2.54 19.84
CA PRO A 543 -14.07 -3.86 20.26
C PRO A 543 -14.71 -4.96 19.38
N GLY A 544 -13.88 -5.89 18.89
CA GLY A 544 -14.34 -6.97 18.06
C GLY A 544 -14.34 -6.81 16.56
N LYS A 545 -14.09 -5.59 16.09
CA LYS A 545 -14.01 -5.31 14.64
C LYS A 545 -12.92 -6.23 14.10
N SER A 546 -13.21 -7.03 13.09
CA SER A 546 -12.32 -7.96 12.46
C SER A 546 -11.93 -9.10 13.38
N GLY A 547 -12.70 -9.42 14.41
CA GLY A 547 -12.28 -10.45 15.37
C GLY A 547 -11.22 -9.98 16.32
N VAL A 548 -10.85 -8.70 16.33
CA VAL A 548 -9.81 -8.18 17.21
C VAL A 548 -10.39 -7.60 18.50
N TRP A 549 -10.22 -8.35 19.59
CA TRP A 549 -10.75 -7.98 20.90
C TRP A 549 -9.65 -7.51 21.86
N PRO A 550 -9.95 -6.46 22.59
CA PRO A 550 -9.10 -5.86 23.58
C PRO A 550 -9.15 -6.72 24.84
N SER A 551 -8.17 -6.80 25.70
CA SER A 551 -8.07 -7.72 26.82
C SER A 551 -9.19 -7.70 27.84
N GLN A 552 -9.97 -6.65 27.93
CA GLN A 552 -11.13 -6.57 28.83
C GLN A 552 -12.36 -7.30 28.30
N TYR A 553 -12.35 -7.68 27.03
CA TYR A 553 -13.49 -8.42 26.47
C TYR A 553 -13.08 -9.89 26.42
N SER A 554 -13.61 -10.64 27.37
CA SER A 554 -13.37 -12.07 27.41
C SER A 554 -13.77 -12.70 26.08
N HIS A 555 -12.86 -13.48 25.51
CA HIS A 555 -13.13 -14.17 24.27
C HIS A 555 -14.28 -15.19 24.39
N VAL A 556 -14.35 -15.84 25.57
CA VAL A 556 -15.40 -16.84 25.78
C VAL A 556 -16.74 -16.18 25.70
N THR A 557 -16.88 -15.03 26.33
CA THR A 557 -18.18 -14.34 26.33
C THR A 557 -18.60 -13.74 24.98
N TRP A 558 -17.70 -13.02 24.32
CA TRP A 558 -18.05 -12.26 23.13
C TRP A 558 -17.92 -12.87 21.76
N LYS A 559 -17.00 -13.78 21.49
CA LYS A 559 -16.88 -14.28 20.13
C LYS A 559 -18.11 -15.03 19.63
N LEU A 560 -18.28 -14.96 18.32
CA LEU A 560 -19.32 -15.72 17.65
C LEU A 560 -18.59 -16.74 16.73
N GLU B 6 35.03 -15.97 20.10
CA GLU B 6 36.08 -14.91 20.18
C GLU B 6 35.78 -13.95 21.33
N PHE B 7 36.83 -13.48 22.00
CA PHE B 7 36.83 -12.71 23.18
C PHE B 7 36.74 -11.26 23.49
N ARG B 8 37.42 -10.35 22.80
CA ARG B 8 37.35 -8.94 23.16
C ARG B 8 37.06 -8.03 21.97
N PRO B 9 35.82 -7.57 21.86
CA PRO B 9 35.41 -6.68 20.77
C PRO B 9 35.83 -5.26 21.06
N LEU B 10 36.05 -4.44 20.05
CA LEU B 10 36.39 -3.03 20.26
C LEU B 10 35.29 -2.32 21.03
N THR B 11 34.03 -2.60 20.71
CA THR B 11 32.90 -1.98 21.38
C THR B 11 31.85 -3.01 21.78
N LEU B 12 31.37 -2.88 23.00
CA LEU B 12 30.30 -3.68 23.57
C LEU B 12 28.99 -2.92 23.55
N PRO B 13 27.88 -3.63 23.41
CA PRO B 13 26.56 -3.03 23.42
C PRO B 13 26.26 -2.42 24.78
N PRO B 14 25.32 -1.49 24.86
CA PRO B 14 24.99 -0.85 26.12
C PRO B 14 24.69 -1.83 27.23
N LYS B 15 25.27 -1.57 28.40
CA LYS B 15 25.10 -2.31 29.64
C LYS B 15 25.54 -3.76 29.67
N LEU B 16 26.17 -4.31 28.64
CA LEU B 16 26.56 -5.72 28.67
C LEU B 16 28.00 -5.89 29.11
N SER B 17 28.24 -6.87 29.98
CA SER B 17 29.58 -7.16 30.44
C SER B 17 30.28 -8.01 29.38
N LEU B 18 31.61 -7.99 29.44
CA LEU B 18 32.49 -8.75 28.59
C LEU B 18 32.27 -10.25 28.77
N SER B 19 32.02 -10.65 30.03
CA SER B 19 31.72 -12.05 30.32
C SER B 19 30.38 -12.43 29.69
N ASP B 20 29.40 -11.53 29.69
CA ASP B 20 28.13 -11.86 29.03
C ASP B 20 28.35 -11.92 27.52
N PHE B 21 29.12 -11.01 26.94
CA PHE B 21 29.45 -10.99 25.54
C PHE B 21 29.99 -12.34 25.06
N ASN B 22 30.99 -12.81 25.78
CA ASN B 22 31.61 -14.11 25.57
C ASN B 22 30.64 -15.28 25.74
N GLU B 23 29.84 -15.26 26.80
CA GLU B 23 28.85 -16.33 26.97
C GLU B 23 27.91 -16.33 25.75
N PHE B 24 27.35 -15.18 25.43
CA PHE B 24 26.47 -15.02 24.27
C PHE B 24 27.12 -15.52 23.00
N ILE B 25 28.28 -14.98 22.63
CA ILE B 25 28.99 -15.39 21.41
C ILE B 25 29.28 -16.89 21.39
N GLN B 26 29.64 -17.50 22.50
CA GLN B 26 29.87 -18.95 22.58
C GLN B 26 28.57 -19.70 22.26
N ASP B 27 27.46 -19.20 22.82
CA ASP B 27 26.14 -19.78 22.56
C ASP B 27 25.82 -19.73 21.06
N ILE B 28 26.06 -18.58 20.43
CA ILE B 28 25.81 -18.43 19.00
C ILE B 28 26.70 -19.33 18.17
N ILE B 29 27.99 -19.36 18.51
CA ILE B 29 28.95 -20.20 17.78
C ILE B 29 28.47 -21.64 17.82
N ARG B 30 27.92 -22.07 18.96
CA ARG B 30 27.35 -23.40 19.10
C ARG B 30 26.28 -23.58 18.02
N ILE B 31 25.33 -22.65 17.90
CA ILE B 31 24.25 -22.78 16.94
C ILE B 31 24.69 -22.72 15.48
N VAL B 32 25.37 -21.67 15.05
CA VAL B 32 25.68 -21.50 13.64
C VAL B 32 27.07 -21.92 13.20
N GLY B 33 27.96 -22.23 14.14
CA GLY B 33 29.32 -22.62 13.76
C GLY B 33 30.27 -21.44 13.73
N SER B 34 31.56 -21.70 13.94
CA SER B 34 32.57 -20.66 13.99
C SER B 34 32.75 -19.92 12.67
N GLU B 35 32.44 -20.55 11.55
CA GLU B 35 32.54 -19.94 10.24
C GLU B 35 31.47 -18.87 10.01
N ASN B 36 30.36 -18.91 10.75
CA ASN B 36 29.30 -17.94 10.58
C ASN B 36 29.23 -16.87 11.66
N VAL B 37 30.25 -16.72 12.49
CA VAL B 37 30.23 -15.74 13.58
C VAL B 37 31.47 -14.87 13.51
N GLU B 38 31.51 -13.55 13.47
CA GLU B 38 32.80 -12.87 13.44
C GLU B 38 32.92 -11.76 14.47
N VAL B 39 33.88 -11.85 15.38
CA VAL B 39 34.07 -10.85 16.42
C VAL B 39 34.99 -9.73 15.95
N ILE B 40 34.58 -8.48 16.08
CA ILE B 40 35.38 -7.34 15.69
C ILE B 40 36.23 -6.83 16.86
N SER B 41 37.45 -7.35 16.96
CA SER B 41 38.42 -7.05 17.99
C SER B 41 39.42 -5.96 17.61
N VAL B 47 38.46 -2.09 7.69
CA VAL B 47 38.61 -2.10 6.24
C VAL B 47 37.29 -1.77 5.55
N ASP B 48 37.28 -0.73 4.72
CA ASP B 48 36.06 -0.30 4.03
C ASP B 48 35.58 -1.28 2.98
N GLY B 49 36.45 -2.16 2.48
CA GLY B 49 36.05 -3.16 1.51
C GLY B 49 35.68 -2.55 0.16
N SER B 50 34.63 -3.11 -0.45
CA SER B 50 34.20 -2.62 -1.76
C SER B 50 32.70 -2.85 -1.97
N TYR B 51 32.23 -2.53 -3.17
CA TYR B 51 30.83 -2.80 -3.51
C TYR B 51 30.72 -4.31 -3.74
N MET B 52 31.78 -4.86 -4.35
CA MET B 52 31.88 -6.29 -4.64
C MET B 52 31.92 -7.10 -3.36
N LYS B 53 32.69 -6.66 -2.37
CA LYS B 53 32.72 -7.38 -1.07
C LYS B 53 32.36 -6.34 -0.01
N PRO B 54 31.08 -6.04 0.14
CA PRO B 54 30.65 -5.03 1.11
C PRO B 54 31.14 -5.32 2.51
N THR B 55 31.57 -4.29 3.23
CA THR B 55 32.03 -4.47 4.61
C THR B 55 30.80 -4.50 5.52
N HIS B 56 30.78 -5.38 6.51
CA HIS B 56 29.60 -5.52 7.36
C HIS B 56 29.78 -4.98 8.78
N THR B 57 30.95 -4.42 9.08
CA THR B 57 31.26 -3.96 10.42
C THR B 57 31.08 -2.48 10.72
N HIS B 58 31.11 -1.61 9.72
CA HIS B 58 31.02 -0.17 9.93
C HIS B 58 30.65 0.58 8.66
N ASP B 59 30.52 1.91 8.77
CA ASP B 59 30.22 2.77 7.64
C ASP B 59 31.49 3.04 6.83
N PRO B 60 31.56 2.56 5.61
CA PRO B 60 32.72 2.70 4.75
C PRO B 60 32.94 4.11 4.26
N THR B 61 31.84 4.72 3.82
CA THR B 61 31.81 6.10 3.34
C THR B 61 31.53 6.94 4.59
N HIS B 62 32.53 6.98 5.47
CA HIS B 62 32.37 7.59 6.77
C HIS B 62 32.17 9.10 6.68
N VAL B 63 31.24 9.57 7.49
CA VAL B 63 30.89 10.98 7.56
C VAL B 63 31.03 11.44 9.02
N MET B 64 30.72 10.53 9.93
CA MET B 64 30.81 10.74 11.37
C MET B 64 32.12 10.12 11.89
N ASP B 65 32.46 10.48 13.12
CA ASP B 65 33.69 9.96 13.71
C ASP B 65 33.61 8.50 14.13
N GLN B 66 34.80 8.01 14.46
CA GLN B 66 35.05 6.70 14.98
C GLN B 66 34.42 6.50 16.36
N ASP B 67 33.83 5.31 16.38
CA ASP B 67 33.15 4.76 17.53
C ASP B 67 31.63 4.86 17.36
N TYR B 68 31.23 5.46 16.25
CA TYR B 68 29.83 5.59 15.88
C TYR B 68 29.63 4.44 14.87
N PHE B 69 28.48 3.79 14.99
CA PHE B 69 28.04 2.77 14.06
C PHE B 69 29.03 1.64 13.83
N LEU B 70 29.53 1.06 14.92
CA LEU B 70 30.49 -0.03 14.86
C LEU B 70 29.97 -1.26 15.56
N ALA B 71 29.84 -2.35 14.81
CA ALA B 71 29.34 -3.61 15.32
C ALA B 71 30.34 -4.25 16.26
N SER B 72 29.89 -5.00 17.24
CA SER B 72 30.73 -5.81 18.11
C SER B 72 31.05 -7.14 17.43
N ALA B 73 30.09 -7.64 16.62
CA ALA B 73 30.24 -8.91 15.94
C ALA B 73 29.31 -9.08 14.75
N ILE B 74 29.64 -9.88 13.76
CA ILE B 74 28.82 -10.14 12.60
C ILE B 74 28.34 -11.58 12.68
N VAL B 75 27.05 -11.85 12.63
CA VAL B 75 26.58 -13.23 12.74
C VAL B 75 25.74 -13.59 11.52
N ALA B 76 25.95 -14.78 10.97
CA ALA B 76 25.18 -15.19 9.79
C ALA B 76 24.38 -16.46 10.00
N PRO B 77 23.09 -16.31 10.25
CA PRO B 77 22.22 -17.44 10.45
C PRO B 77 22.24 -18.38 9.25
N ARG B 78 22.12 -19.69 9.50
CA ARG B 78 22.07 -20.60 8.35
C ARG B 78 20.62 -20.70 7.89
N ASN B 79 19.66 -20.41 8.77
CA ASN B 79 18.26 -20.57 8.38
C ASN B 79 17.34 -19.84 9.35
N VAL B 80 16.04 -19.90 9.18
CA VAL B 80 15.09 -19.19 10.05
C VAL B 80 15.14 -19.68 11.49
N ALA B 81 15.39 -20.97 11.71
CA ALA B 81 15.55 -21.51 13.04
C ALA B 81 16.67 -20.81 13.82
N ASP B 82 17.81 -20.55 13.15
CA ASP B 82 18.91 -19.85 13.81
C ASP B 82 18.49 -18.40 14.11
N VAL B 83 17.75 -17.76 13.19
CA VAL B 83 17.29 -16.41 13.51
C VAL B 83 16.47 -16.46 14.81
N GLN B 84 15.53 -17.39 14.92
CA GLN B 84 14.70 -17.52 16.12
C GLN B 84 15.55 -17.77 17.36
N SER B 85 16.53 -18.69 17.25
CA SER B 85 17.44 -18.98 18.33
C SER B 85 18.21 -17.71 18.75
N ILE B 86 18.73 -16.97 17.79
CA ILE B 86 19.51 -15.76 18.07
C ILE B 86 18.66 -14.65 18.71
N VAL B 87 17.41 -14.50 18.28
CA VAL B 87 16.50 -13.54 18.90
C VAL B 87 16.24 -13.94 20.34
N GLY B 88 16.12 -15.24 20.59
CA GLY B 88 15.94 -15.78 21.95
C GLY B 88 17.12 -15.35 22.84
N LEU B 89 18.34 -15.53 22.37
CA LEU B 89 19.55 -15.17 23.09
C LEU B 89 19.66 -13.66 23.28
N ALA B 90 19.24 -12.87 22.29
CA ALA B 90 19.28 -11.42 22.41
C ALA B 90 18.28 -10.94 23.47
N ASN B 91 17.12 -11.58 23.56
CA ASN B 91 16.15 -11.20 24.59
C ASN B 91 16.74 -11.57 25.97
N LYS B 92 17.35 -12.75 26.08
CA LYS B 92 17.94 -13.18 27.34
C LYS B 92 19.03 -12.26 27.83
N PHE B 93 19.95 -11.83 26.97
CA PHE B 93 21.05 -10.99 27.36
C PHE B 93 20.86 -9.51 27.09
N SER B 94 19.75 -9.04 26.53
CA SER B 94 19.63 -7.60 26.27
C SER B 94 20.68 -7.11 25.29
N PHE B 95 20.86 -7.84 24.20
CA PHE B 95 21.82 -7.51 23.17
C PHE B 95 21.09 -7.08 21.91
N PRO B 96 21.45 -5.92 21.37
CA PRO B 96 20.81 -5.41 20.19
C PRO B 96 21.35 -6.04 18.90
N LEU B 97 20.33 -6.32 18.06
CA LEU B 97 20.55 -6.84 16.73
C LEU B 97 20.36 -5.85 15.56
N TRP B 98 21.08 -5.97 14.47
CA TRP B 98 20.91 -5.12 13.29
C TRP B 98 20.87 -6.02 12.06
N PRO B 99 19.68 -6.34 11.58
CA PRO B 99 19.48 -7.19 10.45
C PRO B 99 19.76 -6.46 9.13
N ILE B 100 20.56 -7.11 8.28
CA ILE B 100 20.86 -6.61 6.96
C ILE B 100 20.60 -7.76 5.96
N SER B 101 20.37 -7.52 4.69
CA SER B 101 20.16 -8.61 3.72
C SER B 101 21.45 -8.80 2.92
N ILE B 102 21.93 -7.77 2.23
CA ILE B 102 23.20 -7.79 1.51
C ILE B 102 24.17 -6.78 2.10
N GLY B 103 23.61 -5.66 2.64
CA GLY B 103 24.45 -4.66 3.30
C GLY B 103 25.03 -3.67 2.31
N ARG B 104 24.38 -3.54 1.15
CA ARG B 104 24.93 -2.55 0.18
C ARG B 104 24.15 -1.25 0.19
N ASN B 105 23.77 -0.72 1.34
CA ASN B 105 22.99 0.50 1.49
C ASN B 105 23.91 1.73 1.51
N SER B 106 24.83 1.78 0.57
CA SER B 106 25.83 2.81 0.42
C SER B 106 25.16 4.16 0.15
N GLY B 107 25.56 5.15 0.91
CA GLY B 107 24.99 6.50 0.84
C GLY B 107 23.99 6.61 2.02
N TYR B 108 23.62 5.48 2.62
CA TYR B 108 22.66 5.45 3.72
C TYR B 108 23.23 4.76 4.96
N GLY B 109 24.53 4.43 4.94
CA GLY B 109 25.19 3.83 6.08
C GLY B 109 25.77 2.45 5.82
N GLY B 110 25.62 1.91 4.61
CA GLY B 110 26.13 0.57 4.35
C GLY B 110 25.44 -0.42 5.30
N ALA B 111 26.23 -1.35 5.85
CA ALA B 111 25.70 -2.34 6.78
C ALA B 111 25.77 -1.95 8.25
N ALA B 112 26.36 -0.82 8.58
CA ALA B 112 26.58 -0.40 9.95
C ALA B 112 25.34 -0.28 10.81
N PRO B 113 25.44 -0.65 12.08
CA PRO B 113 24.34 -0.55 13.03
C PRO B 113 24.11 0.86 13.54
N ARG B 114 22.87 1.20 13.95
CA ARG B 114 22.68 2.56 14.51
C ARG B 114 23.33 2.65 15.88
N VAL B 115 23.33 1.56 16.64
CA VAL B 115 23.91 1.47 17.97
C VAL B 115 25.21 0.69 17.95
N SER B 116 26.33 1.35 18.28
CA SER B 116 27.64 0.69 18.34
C SER B 116 27.62 -0.46 19.33
N GLY B 117 28.27 -1.58 19.01
CA GLY B 117 28.28 -2.75 19.86
C GLY B 117 27.19 -3.73 19.43
N SER B 118 26.34 -3.36 18.47
CA SER B 118 25.30 -4.29 18.07
C SER B 118 25.89 -5.48 17.33
N VAL B 119 25.07 -6.53 17.25
CA VAL B 119 25.42 -7.69 16.43
C VAL B 119 24.76 -7.40 15.07
N VAL B 120 25.57 -7.43 14.00
CA VAL B 120 25.04 -7.25 12.64
C VAL B 120 24.58 -8.66 12.24
N LEU B 121 23.33 -8.78 11.84
CA LEU B 121 22.79 -10.09 11.46
C LEU B 121 22.77 -10.18 9.94
N ASP B 122 23.76 -10.87 9.39
CA ASP B 122 23.92 -11.03 7.95
C ASP B 122 22.98 -12.13 7.46
N MET B 123 21.76 -11.78 7.10
CA MET B 123 20.76 -12.76 6.66
C MET B 123 21.03 -13.35 5.29
N GLY B 124 21.65 -12.57 4.40
CA GLY B 124 21.88 -12.99 3.04
C GLY B 124 22.94 -14.03 2.77
N LYS B 125 23.97 -14.16 3.60
CA LYS B 125 25.05 -15.10 3.31
C LYS B 125 24.49 -16.50 3.11
N ASN B 126 23.76 -17.01 4.10
CA ASN B 126 23.21 -18.37 3.97
C ASN B 126 21.76 -18.39 3.53
N MET B 127 20.97 -17.36 3.82
CA MET B 127 19.54 -17.34 3.41
C MET B 127 19.46 -16.49 2.13
N ASN B 128 19.72 -17.20 1.07
CA ASN B 128 19.99 -16.92 -0.29
C ASN B 128 19.11 -17.33 -1.45
N ARG B 129 18.14 -18.17 -1.18
CA ARG B 129 17.37 -18.83 -2.19
C ARG B 129 16.24 -18.10 -2.89
N VAL B 130 16.19 -18.35 -4.21
CA VAL B 130 15.05 -17.96 -5.02
C VAL B 130 14.04 -19.06 -4.69
N LEU B 131 13.02 -18.77 -3.88
CA LEU B 131 12.12 -19.82 -3.42
C LEU B 131 11.07 -20.22 -4.48
N GLU B 132 10.62 -19.28 -5.27
CA GLU B 132 9.61 -19.62 -6.28
C GLU B 132 9.47 -18.53 -7.32
N VAL B 133 9.25 -18.93 -8.56
CA VAL B 133 9.01 -18.01 -9.67
C VAL B 133 7.73 -18.55 -10.27
N ASN B 134 6.59 -17.90 -10.09
CA ASN B 134 5.33 -18.33 -10.64
C ASN B 134 4.95 -17.55 -11.91
N VAL B 135 4.74 -18.28 -13.02
CA VAL B 135 4.37 -17.67 -14.28
C VAL B 135 2.96 -17.14 -14.36
N GLU B 136 1.92 -17.93 -14.13
CA GLU B 136 0.54 -17.54 -14.25
C GLU B 136 0.13 -16.43 -13.27
N GLY B 137 0.75 -16.38 -12.08
CA GLY B 137 0.46 -15.32 -11.12
C GLY B 137 1.48 -14.19 -11.23
N ALA B 138 2.45 -14.33 -12.12
CA ALA B 138 3.51 -13.36 -12.35
C ALA B 138 4.08 -12.77 -11.05
N TYR B 139 4.73 -13.64 -10.29
CA TYR B 139 5.39 -13.20 -9.05
C TYR B 139 6.62 -14.06 -8.74
N CYS B 140 7.42 -13.65 -7.77
CA CYS B 140 8.53 -14.41 -7.29
C CYS B 140 8.55 -14.33 -5.76
N VAL B 141 9.22 -15.32 -5.15
CA VAL B 141 9.36 -15.32 -3.69
C VAL B 141 10.85 -15.50 -3.40
N VAL B 142 11.37 -14.62 -2.53
CA VAL B 142 12.82 -14.56 -2.31
C VAL B 142 13.26 -14.44 -0.88
N GLU B 143 14.47 -14.93 -0.57
CA GLU B 143 15.08 -14.77 0.76
C GLU B 143 15.97 -13.53 0.67
N PRO B 144 16.44 -12.99 1.79
CA PRO B 144 17.24 -11.80 1.84
C PRO B 144 18.49 -11.80 0.99
N GLY B 145 19.22 -12.91 0.85
CA GLY B 145 20.45 -12.93 0.05
C GLY B 145 20.29 -12.97 -1.46
N VAL B 146 19.08 -12.97 -2.02
CA VAL B 146 18.88 -12.93 -3.46
C VAL B 146 19.14 -11.52 -3.96
N THR B 147 20.26 -11.31 -4.65
CA THR B 147 20.53 -9.97 -5.21
C THR B 147 19.73 -9.83 -6.51
N TYR B 148 19.60 -8.63 -7.06
CA TYR B 148 18.93 -8.47 -8.34
C TYR B 148 19.67 -9.27 -9.44
N HIS B 149 21.00 -9.24 -9.41
CA HIS B 149 21.81 -10.04 -10.31
C HIS B 149 21.52 -11.54 -10.19
N ASP B 150 21.35 -12.08 -8.99
CA ASP B 150 21.04 -13.49 -8.80
C ASP B 150 19.68 -13.84 -9.41
N LEU B 151 18.67 -13.01 -9.20
CA LEU B 151 17.33 -13.29 -9.70
C LEU B 151 17.34 -13.27 -11.23
N HIS B 152 18.09 -12.32 -11.79
CA HIS B 152 18.29 -12.22 -13.23
C HIS B 152 18.87 -13.51 -13.81
N ASN B 153 19.93 -13.99 -13.17
CA ASN B 153 20.62 -15.22 -13.50
C ASN B 153 19.67 -16.41 -13.39
N TYR B 154 18.85 -16.41 -12.31
CA TYR B 154 17.86 -17.47 -12.17
C TYR B 154 16.88 -17.44 -13.34
N LEU B 155 16.38 -16.29 -13.76
CA LEU B 155 15.46 -16.21 -14.88
C LEU B 155 16.12 -16.68 -16.18
N GLU B 156 17.35 -16.22 -16.41
CA GLU B 156 18.09 -16.59 -17.62
C GLU B 156 18.34 -18.09 -17.65
N ALA B 157 18.83 -18.66 -16.55
CA ALA B 157 19.08 -20.09 -16.48
C ALA B 157 17.85 -20.91 -16.81
N ASN B 158 16.64 -20.53 -16.42
CA ASN B 158 15.45 -21.30 -16.73
C ASN B 158 14.67 -20.69 -17.89
N ASN B 159 15.31 -19.85 -18.71
CA ASN B 159 14.64 -19.17 -19.81
C ASN B 159 13.30 -18.61 -19.37
N LEU B 160 13.30 -17.59 -18.51
CA LEU B 160 12.05 -16.99 -18.04
C LEU B 160 11.98 -15.53 -18.45
N ARG B 161 13.09 -15.00 -18.96
CA ARG B 161 13.16 -13.64 -19.48
C ARG B 161 12.22 -13.41 -20.64
N ASP B 162 11.81 -14.42 -21.39
CA ASP B 162 10.84 -14.23 -22.46
C ASP B 162 9.45 -14.05 -21.88
N LYS B 163 9.23 -14.48 -20.63
CA LYS B 163 7.92 -14.34 -20.01
C LYS B 163 7.83 -13.29 -18.91
N LEU B 164 8.86 -13.12 -18.07
CA LEU B 164 8.80 -12.20 -16.94
C LEU B 164 10.02 -11.31 -16.88
N TRP B 165 9.84 -10.02 -16.58
CA TRP B 165 10.98 -9.11 -16.45
C TRP B 165 11.14 -8.68 -14.98
N LEU B 166 12.33 -8.26 -14.60
CA LEU B 166 12.57 -7.68 -13.27
C LEU B 166 12.43 -6.16 -13.34
N ASP B 167 12.56 -5.52 -12.20
CA ASP B 167 12.56 -4.09 -12.00
C ASP B 167 13.73 -3.83 -11.04
N VAL B 168 14.78 -3.19 -11.55
CA VAL B 168 16.00 -3.01 -10.79
C VAL B 168 16.38 -1.57 -10.51
N PRO B 169 17.04 -1.34 -9.38
CA PRO B 169 17.56 0.00 -9.10
C PRO B 169 18.81 0.14 -9.99
N ASP B 170 19.48 1.26 -9.85
CA ASP B 170 20.67 1.60 -10.60
C ASP B 170 21.76 0.57 -10.53
N LEU B 171 21.93 -0.12 -9.41
CA LEU B 171 22.95 -1.15 -9.30
C LEU B 171 22.32 -2.52 -9.08
N GLY B 172 22.88 -3.54 -9.71
CA GLY B 172 22.33 -4.90 -9.61
C GLY B 172 22.75 -5.69 -8.41
N GLY B 173 23.65 -5.19 -7.56
CA GLY B 173 24.10 -5.99 -6.43
C GLY B 173 23.23 -5.92 -5.18
N GLY B 174 22.21 -5.07 -5.17
CA GLY B 174 21.40 -4.97 -3.94
C GLY B 174 20.51 -6.19 -3.77
N SER B 175 19.90 -6.28 -2.60
CA SER B 175 18.96 -7.31 -2.24
C SER B 175 17.57 -6.94 -2.70
N VAL B 176 16.89 -7.86 -3.41
CA VAL B 176 15.54 -7.62 -3.88
C VAL B 176 14.61 -7.30 -2.69
N LEU B 177 14.73 -8.06 -1.62
CA LEU B 177 13.98 -7.94 -0.39
C LEU B 177 14.43 -6.74 0.45
N GLY B 178 15.70 -6.55 0.68
CA GLY B 178 16.21 -5.42 1.46
C GLY B 178 15.87 -4.08 0.81
N ASN B 179 15.90 -3.95 -0.51
CA ASN B 179 15.55 -2.72 -1.19
C ASN B 179 14.05 -2.47 -1.09
N ALA B 180 13.24 -3.53 -1.18
CA ALA B 180 11.79 -3.38 -1.09
C ALA B 180 11.37 -2.90 0.31
N VAL B 181 11.93 -3.50 1.35
CA VAL B 181 11.59 -3.09 2.71
C VAL B 181 12.11 -1.69 3.01
N GLU B 182 13.09 -1.14 2.30
CA GLU B 182 13.50 0.25 2.48
C GLU B 182 12.65 1.23 1.65
N ARG B 183 11.71 0.68 0.89
CA ARG B 183 10.84 1.31 -0.08
C ARG B 183 11.60 2.04 -1.20
N GLY B 184 12.58 1.35 -1.79
CA GLY B 184 13.42 1.81 -2.85
C GLY B 184 12.64 1.91 -4.14
N VAL B 185 13.42 2.41 -5.10
CA VAL B 185 12.90 2.75 -6.42
C VAL B 185 13.71 2.10 -7.53
N GLY B 186 13.00 1.68 -8.55
CA GLY B 186 13.37 1.09 -9.80
C GLY B 186 12.68 1.88 -10.93
N TYR B 187 13.00 1.52 -12.18
CA TYR B 187 12.65 2.38 -13.31
C TYR B 187 11.76 1.83 -14.39
N THR B 188 11.09 0.71 -14.18
CA THR B 188 10.09 0.20 -15.13
C THR B 188 8.77 0.61 -14.51
N PRO B 189 7.65 0.16 -15.04
CA PRO B 189 6.33 0.42 -14.48
C PRO B 189 6.12 -0.24 -13.12
N TYR B 190 6.97 -1.19 -12.76
CA TYR B 190 6.92 -1.86 -11.46
C TYR B 190 7.98 -1.22 -10.53
N GLY B 191 8.28 0.05 -10.75
CA GLY B 191 9.31 0.77 -10.03
C GLY B 191 9.08 1.11 -8.58
N ASP B 192 7.84 1.11 -8.11
CA ASP B 192 7.54 1.32 -6.68
C ASP B 192 7.69 -0.06 -6.03
N HIS B 193 8.92 -0.41 -5.65
CA HIS B 193 9.20 -1.76 -5.14
C HIS B 193 8.33 -2.21 -3.98
N TRP B 194 8.19 -1.35 -2.97
CA TRP B 194 7.33 -1.69 -1.84
C TRP B 194 5.91 -1.98 -2.30
N MET B 195 5.31 -1.25 -3.24
CA MET B 195 3.96 -1.53 -3.66
C MET B 195 3.83 -2.80 -4.49
N MET B 196 4.93 -3.44 -4.89
CA MET B 196 4.77 -4.66 -5.70
C MET B 196 4.84 -5.90 -4.80
N HIS B 197 4.95 -5.67 -3.47
CA HIS B 197 5.05 -6.83 -2.59
C HIS B 197 3.68 -7.43 -2.29
N SER B 198 3.74 -8.71 -1.92
CA SER B 198 2.54 -9.44 -1.51
C SER B 198 2.92 -10.71 -0.76
N GLY B 199 2.69 -10.77 0.53
CA GLY B 199 3.02 -11.93 1.35
C GLY B 199 4.44 -11.91 1.89
N MET B 200 4.61 -11.59 3.17
CA MET B 200 5.94 -11.56 3.76
C MET B 200 5.92 -12.41 5.03
N GLU B 201 7.08 -12.98 5.32
CA GLU B 201 7.34 -13.77 6.50
C GLU B 201 8.30 -12.97 7.39
N VAL B 202 8.02 -12.89 8.68
CA VAL B 202 8.79 -12.08 9.61
C VAL B 202 9.10 -12.85 10.91
N VAL B 203 10.31 -12.65 11.45
CA VAL B 203 10.60 -13.13 12.79
C VAL B 203 10.37 -11.93 13.71
N LEU B 204 9.39 -11.97 14.60
CA LEU B 204 9.11 -10.89 15.53
C LEU B 204 10.17 -10.80 16.62
N ALA B 205 10.19 -9.68 17.34
CA ALA B 205 11.14 -9.48 18.44
C ALA B 205 10.95 -10.50 19.57
N ASN B 206 9.77 -11.04 19.72
CA ASN B 206 9.50 -12.10 20.68
C ASN B 206 9.94 -13.45 20.09
N GLY B 207 10.43 -13.50 18.86
CA GLY B 207 10.97 -14.69 18.23
C GLY B 207 9.95 -15.55 17.50
N GLU B 208 8.69 -15.12 17.42
CA GLU B 208 7.67 -15.90 16.76
C GLU B 208 7.59 -15.54 15.28
N LEU B 209 7.23 -16.53 14.48
CA LEU B 209 7.10 -16.36 13.05
C LEU B 209 5.70 -15.85 12.71
N LEU B 210 5.62 -14.92 11.79
CA LEU B 210 4.35 -14.38 11.33
C LEU B 210 4.39 -14.23 9.81
N ARG B 211 3.30 -14.49 9.11
CA ARG B 211 3.18 -14.30 7.66
C ARG B 211 2.02 -13.33 7.43
N THR B 212 2.20 -12.31 6.60
CA THR B 212 1.19 -11.27 6.44
C THR B 212 0.16 -11.58 5.36
N GLY B 213 -0.95 -10.83 5.38
CA GLY B 213 -1.99 -10.90 4.37
C GLY B 213 -2.62 -12.30 4.28
N MET B 214 -2.73 -12.74 3.04
CA MET B 214 -3.21 -14.08 2.68
C MET B 214 -2.19 -15.14 3.05
N GLY B 215 -0.97 -14.76 3.43
CA GLY B 215 0.03 -15.66 3.99
C GLY B 215 -0.43 -16.16 5.36
N ALA B 216 -1.40 -15.48 6.00
CA ALA B 216 -1.91 -15.96 7.29
C ALA B 216 -2.92 -17.08 7.08
N LEU B 217 -3.41 -17.25 5.85
CA LEU B 217 -4.36 -18.33 5.52
C LEU B 217 -3.50 -19.53 5.11
N PRO B 218 -3.46 -20.57 5.93
CA PRO B 218 -2.60 -21.69 5.72
C PRO B 218 -2.92 -22.52 4.48
N ASP B 219 -1.88 -23.02 3.82
CA ASP B 219 -2.10 -23.94 2.72
C ASP B 219 -2.72 -25.19 3.35
N PRO B 220 -3.83 -25.71 2.86
CA PRO B 220 -4.48 -26.90 3.39
C PRO B 220 -3.55 -28.10 3.53
N LYS B 221 -3.74 -28.91 4.57
CA LYS B 221 -2.90 -30.09 4.81
C LYS B 221 -2.90 -31.07 3.64
N ARG B 222 -1.75 -31.67 3.40
CA ARG B 222 -1.61 -32.68 2.35
C ARG B 222 -0.45 -33.56 2.81
N PRO B 223 -0.45 -34.83 2.40
CA PRO B 223 0.58 -35.77 2.79
C PRO B 223 1.99 -35.32 2.53
N GLU B 224 2.32 -34.78 1.37
CA GLU B 224 3.65 -34.30 1.04
C GLU B 224 4.19 -33.20 1.92
N THR B 225 3.34 -32.35 2.52
CA THR B 225 3.80 -31.23 3.34
C THR B 225 3.68 -31.44 4.83
N MET B 226 3.22 -32.61 5.29
CA MET B 226 3.12 -32.91 6.72
C MET B 226 4.42 -32.88 7.50
N GLY B 227 4.40 -32.36 8.73
CA GLY B 227 5.59 -32.28 9.57
C GLY B 227 6.66 -31.24 9.24
N LEU B 228 6.47 -30.37 8.26
CA LEU B 228 7.47 -29.35 7.96
C LEU B 228 7.47 -28.27 9.03
N LYS B 229 8.64 -27.73 9.34
CA LYS B 229 8.74 -26.59 10.26
C LYS B 229 8.01 -25.41 9.61
N PRO B 230 7.47 -24.51 10.43
CA PRO B 230 6.71 -23.35 9.95
C PRO B 230 7.35 -22.60 8.82
N GLU B 231 8.59 -22.23 8.94
CA GLU B 231 9.49 -21.58 8.02
C GLU B 231 9.56 -22.26 6.64
N ASP B 232 9.48 -23.60 6.64
CA ASP B 232 9.59 -24.37 5.43
C ASP B 232 8.24 -24.73 4.85
N GLN B 233 7.12 -24.36 5.46
CA GLN B 233 5.81 -24.70 4.87
C GLN B 233 5.57 -23.83 3.64
N PRO B 234 4.82 -24.34 2.69
CA PRO B 234 4.45 -23.58 1.50
C PRO B 234 3.35 -22.60 1.90
N TRP B 235 2.97 -21.72 0.98
CA TRP B 235 1.99 -20.68 1.27
C TRP B 235 0.67 -21.03 0.60
N SER B 236 -0.49 -20.50 0.99
CA SER B 236 -1.71 -20.85 0.28
C SER B 236 -1.78 -20.11 -1.06
N LYS B 237 -2.68 -20.58 -1.93
CA LYS B 237 -2.77 -20.05 -3.28
C LYS B 237 -2.81 -18.54 -3.48
N ILE B 238 -3.53 -17.77 -2.67
CA ILE B 238 -3.60 -16.33 -2.87
C ILE B 238 -2.56 -15.54 -2.12
N ALA B 239 -1.66 -16.13 -1.34
CA ALA B 239 -0.64 -15.42 -0.57
C ALA B 239 0.11 -14.34 -1.36
N HIS B 240 0.59 -14.63 -2.55
CA HIS B 240 1.38 -13.65 -3.32
C HIS B 240 0.62 -13.01 -4.46
N LEU B 241 -0.69 -13.00 -4.41
CA LEU B 241 -1.54 -12.43 -5.45
C LEU B 241 -2.43 -11.29 -4.98
N PHE B 242 -2.74 -11.22 -3.68
CA PHE B 242 -3.61 -10.24 -3.06
C PHE B 242 -2.97 -9.90 -1.71
N PRO B 243 -2.50 -8.68 -1.56
CA PRO B 243 -1.75 -8.29 -0.39
C PRO B 243 -2.45 -8.13 0.93
N TYR B 244 -3.70 -7.69 0.89
CA TYR B 244 -4.47 -7.34 2.05
C TYR B 244 -4.89 -8.45 2.99
N GLY B 245 -5.22 -9.65 2.49
CA GLY B 245 -5.69 -10.64 3.50
C GLY B 245 -7.01 -10.16 4.08
N PHE B 246 -7.14 -10.18 5.41
CA PHE B 246 -8.35 -9.77 6.09
C PHE B 246 -8.01 -8.96 7.34
N GLY B 247 -8.82 -7.98 7.75
CA GLY B 247 -8.47 -7.28 8.97
C GLY B 247 -7.41 -6.21 8.75
N PRO B 248 -6.80 -5.74 9.84
CA PRO B 248 -5.78 -4.71 9.76
C PRO B 248 -4.67 -5.08 8.79
N TYR B 249 -4.25 -4.13 7.97
CA TYR B 249 -3.20 -4.38 6.95
C TYR B 249 -1.85 -3.95 7.50
N ILE B 250 -1.15 -4.82 8.21
CA ILE B 250 0.04 -4.51 8.98
C ILE B 250 1.35 -4.52 8.20
N ASP B 251 1.32 -4.91 6.93
CA ASP B 251 2.60 -5.01 6.22
C ASP B 251 3.53 -3.82 6.31
N GLY B 252 2.99 -2.62 6.16
CA GLY B 252 3.74 -1.35 6.17
C GLY B 252 4.50 -1.09 7.44
N LEU B 253 4.14 -1.69 8.58
CA LEU B 253 4.86 -1.56 9.84
C LEU B 253 6.23 -2.25 9.75
N PHE B 254 6.46 -3.08 8.74
CA PHE B 254 7.77 -3.73 8.59
C PHE B 254 8.58 -3.07 7.48
N SER B 255 8.28 -1.83 7.06
CA SER B 255 9.13 -1.18 6.07
C SER B 255 9.68 0.11 6.73
N GLN B 256 10.96 0.31 6.61
CA GLN B 256 11.73 1.41 7.20
C GLN B 256 11.48 1.34 8.70
N SER B 257 11.48 0.16 9.31
CA SER B 257 11.21 0.09 10.73
C SER B 257 12.12 -0.94 11.39
N ASN B 258 11.95 -0.93 12.72
CA ASN B 258 12.59 -1.90 13.61
C ASN B 258 11.52 -2.81 14.19
N MET B 259 10.44 -3.12 13.46
CA MET B 259 9.39 -3.95 14.07
C MET B 259 9.58 -5.44 13.88
N GLY B 260 10.55 -5.90 13.09
CA GLY B 260 10.66 -7.35 12.86
C GLY B 260 11.82 -7.68 11.93
N ILE B 261 12.07 -8.99 11.80
CA ILE B 261 13.20 -9.41 10.94
C ILE B 261 12.59 -10.10 9.74
N VAL B 262 12.71 -9.54 8.56
CA VAL B 262 12.08 -10.12 7.37
C VAL B 262 12.91 -11.27 6.80
N THR B 263 12.22 -12.41 6.63
CA THR B 263 12.93 -13.60 6.16
C THR B 263 12.53 -13.98 4.75
N LYS B 264 11.35 -13.62 4.26
CA LYS B 264 10.86 -13.96 2.95
C LYS B 264 9.90 -12.90 2.44
N ILE B 265 9.81 -12.69 1.13
CA ILE B 265 8.88 -11.72 0.59
C ILE B 265 8.51 -12.11 -0.84
N GLY B 266 7.26 -11.91 -1.22
CA GLY B 266 6.77 -12.11 -2.57
C GLY B 266 6.79 -10.75 -3.29
N ILE B 267 7.26 -10.71 -4.53
CA ILE B 267 7.34 -9.52 -5.36
C ILE B 267 6.66 -9.78 -6.72
N TRP B 268 5.75 -8.92 -7.12
CA TRP B 268 5.07 -9.05 -8.41
C TRP B 268 6.07 -8.75 -9.52
N LEU B 269 6.01 -9.50 -10.59
CA LEU B 269 6.93 -9.31 -11.72
C LEU B 269 6.12 -9.03 -12.98
N MET B 270 6.59 -8.09 -13.77
CA MET B 270 5.93 -7.70 -14.99
C MET B 270 6.17 -8.69 -16.13
N PRO B 271 5.10 -9.18 -16.73
CA PRO B 271 5.20 -10.03 -17.90
C PRO B 271 5.82 -9.24 -19.06
N ASN B 272 6.68 -9.90 -19.82
CA ASN B 272 7.25 -9.25 -21.02
C ASN B 272 6.13 -8.48 -21.71
N PRO B 273 6.27 -7.18 -21.92
CA PRO B 273 5.24 -6.34 -22.49
C PRO B 273 4.99 -6.49 -23.98
N GLY B 274 5.86 -7.21 -24.69
CA GLY B 274 5.69 -7.41 -26.13
C GLY B 274 6.05 -6.15 -26.91
N GLY B 275 7.14 -5.49 -26.50
CA GLY B 275 7.58 -4.29 -27.19
C GLY B 275 8.26 -3.36 -26.19
N TYR B 276 9.39 -2.78 -26.59
CA TYR B 276 10.12 -1.88 -25.69
C TYR B 276 10.96 -0.91 -26.50
N GLN B 277 11.12 0.32 -26.03
CA GLN B 277 11.99 1.33 -26.66
C GLN B 277 12.40 2.39 -25.65
N SER B 278 13.67 2.43 -25.24
CA SER B 278 14.13 3.46 -24.30
C SER B 278 14.58 4.68 -25.11
N TYR B 279 14.65 5.80 -24.42
CA TYR B 279 15.00 7.03 -25.13
C TYR B 279 15.56 8.10 -24.19
N LEU B 280 16.20 9.09 -24.77
CA LEU B 280 16.81 10.22 -24.12
C LEU B 280 16.41 11.51 -24.83
N ILE B 281 16.04 12.49 -24.04
CA ILE B 281 15.66 13.83 -24.45
C ILE B 281 16.61 14.78 -23.72
N THR B 282 17.43 15.50 -24.49
CA THR B 282 18.36 16.46 -23.93
C THR B 282 17.73 17.85 -23.85
N LEU B 283 17.89 18.48 -22.70
CA LEU B 283 17.34 19.77 -22.29
C LEU B 283 18.53 20.71 -22.17
N PRO B 284 18.65 21.64 -23.12
CA PRO B 284 19.80 22.51 -23.18
C PRO B 284 20.09 23.43 -22.03
N LYS B 285 19.15 24.14 -21.43
CA LYS B 285 19.51 25.07 -20.36
C LYS B 285 19.29 24.56 -18.95
N ASP B 286 19.99 25.16 -18.00
CA ASP B 286 19.81 24.87 -16.59
C ASP B 286 18.39 25.15 -16.15
N GLY B 287 17.84 26.29 -16.60
CA GLY B 287 16.47 26.66 -16.30
C GLY B 287 15.43 25.82 -17.01
N ASP B 288 15.78 24.96 -17.97
CA ASP B 288 14.78 24.17 -18.70
C ASP B 288 14.14 23.09 -17.81
N LEU B 289 14.61 22.88 -16.59
CA LEU B 289 14.00 21.95 -15.64
C LEU B 289 12.55 22.34 -15.39
N LYS B 290 12.29 23.64 -15.22
CA LYS B 290 10.94 24.13 -14.96
C LYS B 290 9.94 23.72 -16.04
N GLN B 291 10.20 24.09 -17.31
CA GLN B 291 9.21 23.74 -18.33
C GLN B 291 9.06 22.24 -18.54
N ALA B 292 10.14 21.50 -18.57
CA ALA B 292 10.16 20.06 -18.70
C ALA B 292 9.31 19.37 -17.63
N VAL B 293 9.48 19.72 -16.35
CA VAL B 293 8.67 19.15 -15.28
C VAL B 293 7.21 19.48 -15.49
N ASP B 294 6.90 20.74 -15.87
CA ASP B 294 5.52 21.08 -16.18
C ASP B 294 4.99 20.26 -17.37
N ILE B 295 5.86 19.89 -18.30
CA ILE B 295 5.40 19.05 -19.44
C ILE B 295 5.18 17.61 -18.97
N ILE B 296 6.10 17.12 -18.16
CA ILE B 296 6.04 15.80 -17.55
C ILE B 296 4.77 15.55 -16.76
N ARG B 297 4.27 16.48 -15.95
CA ARG B 297 3.12 16.30 -15.09
C ARG B 297 1.91 15.62 -15.71
N PRO B 298 1.26 16.20 -16.71
CA PRO B 298 0.11 15.59 -17.36
C PRO B 298 0.46 14.29 -18.06
N LEU B 299 1.65 14.13 -18.60
CA LEU B 299 2.08 12.93 -19.31
C LEU B 299 2.23 11.71 -18.37
N ARG B 300 2.76 11.99 -17.19
CA ARG B 300 2.98 11.06 -16.11
C ARG B 300 1.64 10.62 -15.58
N LEU B 301 0.67 11.49 -15.36
CA LEU B 301 -0.62 11.09 -14.87
C LEU B 301 -1.44 10.34 -15.90
N GLY B 302 -1.21 10.57 -17.19
CA GLY B 302 -2.07 9.99 -18.19
C GLY B 302 -1.49 8.76 -18.85
N MET B 303 -0.36 8.20 -18.41
CA MET B 303 0.11 7.05 -19.16
C MET B 303 0.90 7.21 -20.43
N ALA B 304 1.41 8.40 -20.80
CA ALA B 304 2.38 8.46 -21.89
C ALA B 304 3.74 8.08 -21.24
N LEU B 305 3.83 8.30 -19.93
CA LEU B 305 4.97 7.94 -19.12
C LEU B 305 4.46 6.93 -18.07
N GLN B 306 4.69 5.68 -18.36
CA GLN B 306 4.24 4.50 -17.65
C GLN B 306 5.20 4.03 -16.56
N ASN B 307 6.51 4.12 -16.74
CA ASN B 307 7.56 3.72 -15.85
C ASN B 307 8.02 4.84 -14.93
N VAL B 308 9.26 4.77 -14.42
CA VAL B 308 9.79 5.88 -13.63
C VAL B 308 10.91 6.57 -14.40
N PRO B 309 10.56 7.57 -15.19
CA PRO B 309 11.57 8.30 -15.96
C PRO B 309 12.41 9.12 -15.01
N THR B 310 13.62 9.49 -15.41
CA THR B 310 14.49 10.29 -14.58
C THR B 310 14.99 11.52 -15.34
N ILE B 311 15.23 12.56 -14.54
CA ILE B 311 15.75 13.83 -15.07
C ILE B 311 17.13 13.96 -14.42
N ARG B 312 18.17 13.68 -15.18
CA ARG B 312 19.52 13.68 -14.61
C ARG B 312 20.28 14.97 -14.90
N HIS B 313 21.01 15.43 -13.89
CA HIS B 313 21.85 16.62 -14.02
C HIS B 313 23.11 16.26 -14.78
N ILE B 314 23.65 17.15 -15.60
CA ILE B 314 24.82 16.89 -16.42
C ILE B 314 25.99 16.24 -15.72
N LEU B 315 26.37 16.62 -14.51
CA LEU B 315 27.46 16.02 -13.76
C LEU B 315 27.23 14.58 -13.33
N LEU B 316 25.98 14.19 -13.14
CA LEU B 316 25.74 12.77 -12.79
C LEU B 316 26.17 11.94 -13.99
N ASP B 317 25.78 12.31 -15.21
CA ASP B 317 26.21 11.57 -16.41
C ASP B 317 27.71 11.76 -16.68
N ALA B 318 28.25 12.96 -16.45
CA ALA B 318 29.67 13.24 -16.64
C ALA B 318 30.54 12.43 -15.67
N ALA B 319 30.04 12.34 -14.42
CA ALA B 319 30.76 11.59 -13.41
C ALA B 319 30.73 10.12 -13.77
N VAL B 320 29.64 9.61 -14.36
CA VAL B 320 29.65 8.21 -14.76
C VAL B 320 30.84 7.98 -15.70
N LEU B 321 30.98 8.89 -16.67
CA LEU B 321 32.01 8.79 -17.69
C LEU B 321 33.42 9.04 -17.19
N GLY B 322 33.64 9.86 -16.15
CA GLY B 322 35.00 10.12 -15.70
C GLY B 322 35.05 10.92 -14.42
N ASP B 323 36.20 10.97 -13.74
CA ASP B 323 36.29 11.69 -12.46
C ASP B 323 36.42 13.19 -12.68
N LYS B 324 36.36 13.98 -11.59
CA LYS B 324 36.44 15.42 -11.73
C LYS B 324 37.75 15.91 -12.34
N ARG B 325 38.86 15.27 -11.99
CA ARG B 325 40.17 15.59 -12.51
C ARG B 325 40.28 15.40 -14.02
N SER B 326 39.43 14.58 -14.63
CA SER B 326 39.40 14.36 -16.07
C SER B 326 38.62 15.46 -16.78
N TYR B 327 37.90 16.33 -16.08
CA TYR B 327 37.17 17.41 -16.72
C TYR B 327 37.70 18.80 -16.37
N SER B 328 38.35 18.91 -15.22
CA SER B 328 38.85 20.17 -14.70
C SER B 328 39.83 19.92 -13.55
N SER B 329 40.76 20.82 -13.29
CA SER B 329 41.70 20.55 -12.20
C SER B 329 41.47 21.49 -11.02
N ARG B 330 40.35 22.20 -11.03
CA ARG B 330 39.95 23.07 -9.94
C ARG B 330 39.46 22.24 -8.76
N THR B 331 39.69 22.75 -7.56
CA THR B 331 39.27 22.09 -6.32
C THR B 331 37.86 22.53 -5.96
N GLU B 332 37.54 23.75 -6.35
CA GLU B 332 36.26 24.39 -6.13
C GLU B 332 35.21 23.90 -7.13
N PRO B 333 33.94 24.18 -6.84
CA PRO B 333 32.83 23.76 -7.69
C PRO B 333 32.90 24.32 -9.10
N LEU B 334 32.63 23.47 -10.09
CA LEU B 334 32.62 23.88 -11.48
C LEU B 334 31.57 24.98 -11.65
N SER B 335 31.90 25.99 -12.46
CA SER B 335 31.00 27.08 -12.76
C SER B 335 29.94 26.58 -13.74
N ASP B 336 28.91 27.41 -13.88
CA ASP B 336 27.82 27.17 -14.82
C ASP B 336 28.38 27.02 -16.23
N GLU B 337 29.31 27.92 -16.57
CA GLU B 337 30.03 27.93 -17.83
C GLU B 337 30.81 26.66 -18.07
N GLU B 338 31.47 26.07 -17.07
CA GLU B 338 32.14 24.78 -17.24
C GLU B 338 31.13 23.64 -17.40
N LEU B 339 29.93 23.79 -16.82
CA LEU B 339 28.89 22.78 -16.94
C LEU B 339 28.37 22.74 -18.37
N ASP B 340 28.10 23.90 -18.98
CA ASP B 340 27.73 23.99 -20.38
C ASP B 340 28.82 23.34 -21.25
N LYS B 341 30.11 23.56 -21.02
CA LYS B 341 31.20 22.99 -21.78
C LYS B 341 31.24 21.46 -21.72
N ILE B 342 31.02 20.92 -20.53
CA ILE B 342 30.93 19.47 -20.36
C ILE B 342 29.75 18.94 -21.14
N ALA B 343 28.61 19.64 -21.09
CA ALA B 343 27.42 19.19 -21.80
C ALA B 343 27.70 19.03 -23.29
N LYS B 344 28.24 20.07 -23.88
CA LYS B 344 28.67 20.05 -25.28
C LYS B 344 29.60 18.88 -25.58
N GLN B 345 30.62 18.65 -24.77
CA GLN B 345 31.58 17.58 -25.00
C GLN B 345 30.92 16.19 -25.06
N LEU B 346 29.90 16.02 -24.22
CA LEU B 346 29.18 14.75 -24.16
C LEU B 346 27.95 14.76 -25.06
N ASN B 347 27.61 15.90 -25.67
CA ASN B 347 26.41 15.95 -26.50
C ASN B 347 25.15 15.70 -25.68
N LEU B 348 25.13 16.30 -24.48
CA LEU B 348 23.99 16.16 -23.58
C LEU B 348 23.49 17.56 -23.25
N GLY B 349 22.42 17.67 -22.47
CA GLY B 349 22.00 19.07 -22.13
C GLY B 349 22.46 19.29 -20.69
N ARG B 350 22.00 20.36 -20.05
CA ARG B 350 22.29 20.58 -18.63
C ARG B 350 21.43 19.66 -17.77
N TRP B 351 20.28 19.22 -18.27
CA TRP B 351 19.33 18.31 -17.68
C TRP B 351 19.03 17.28 -18.75
N ASN B 352 18.94 16.01 -18.41
CA ASN B 352 18.72 14.94 -19.39
C ASN B 352 17.60 14.01 -18.96
N PHE B 353 16.57 13.87 -19.77
CA PHE B 353 15.41 13.04 -19.43
C PHE B 353 15.52 11.67 -20.08
N TYR B 354 15.52 10.60 -19.29
CA TYR B 354 15.60 9.23 -19.73
C TYR B 354 14.30 8.48 -19.46
N GLY B 355 13.69 7.87 -20.46
CA GLY B 355 12.43 7.17 -20.27
C GLY B 355 12.34 5.95 -21.22
N ALA B 356 11.16 5.34 -21.22
CA ALA B 356 10.94 4.18 -22.07
C ALA B 356 9.46 4.03 -22.39
N LEU B 357 9.18 3.35 -23.50
CA LEU B 357 7.84 3.01 -23.94
C LEU B 357 7.75 1.49 -23.91
N TYR B 358 6.59 0.96 -23.55
CA TYR B 358 6.44 -0.49 -23.41
C TYR B 358 5.21 -0.95 -24.19
N GLY B 359 5.21 -2.16 -24.75
CA GLY B 359 3.97 -2.57 -25.43
C GLY B 359 4.12 -2.62 -26.96
N PRO B 360 3.04 -3.01 -27.61
CA PRO B 360 3.01 -3.16 -29.06
C PRO B 360 3.39 -1.89 -29.79
N GLU B 361 4.12 -2.01 -30.89
CA GLU B 361 4.53 -0.87 -31.69
C GLU B 361 3.44 0.16 -31.93
N PRO B 362 2.27 -0.20 -32.45
CA PRO B 362 1.20 0.74 -32.70
C PRO B 362 0.85 1.61 -31.49
N ILE B 363 0.90 1.09 -30.25
CA ILE B 363 0.62 1.92 -29.08
C ILE B 363 1.83 2.75 -28.77
N ARG B 364 3.04 2.21 -28.80
CA ARG B 364 4.24 2.99 -28.55
C ARG B 364 4.36 4.18 -29.53
N ARG B 365 4.09 3.95 -30.80
CA ARG B 365 4.17 4.99 -31.83
C ARG B 365 3.29 6.18 -31.48
N VAL B 366 2.04 5.97 -31.08
CA VAL B 366 1.16 7.06 -30.68
C VAL B 366 1.65 7.85 -29.48
N LEU B 367 2.14 7.14 -28.45
CA LEU B 367 2.64 7.81 -27.24
C LEU B 367 3.92 8.57 -27.51
N TRP B 368 4.78 7.97 -28.33
CA TRP B 368 6.04 8.61 -28.69
C TRP B 368 5.76 9.90 -29.44
N GLU B 369 4.80 9.93 -30.37
CA GLU B 369 4.46 11.21 -31.03
C GLU B 369 3.96 12.23 -30.01
N THR B 370 3.17 11.82 -29.03
CA THR B 370 2.64 12.65 -27.96
C THR B 370 3.81 13.21 -27.14
N ILE B 371 4.73 12.36 -26.70
CA ILE B 371 5.91 12.81 -25.96
C ILE B 371 6.74 13.78 -26.77
N LYS B 372 7.10 13.47 -28.02
CA LYS B 372 7.91 14.35 -28.85
C LYS B 372 7.31 15.75 -29.01
N ASP B 373 6.04 15.75 -29.37
CA ASP B 373 5.25 16.95 -29.56
C ASP B 373 5.23 17.84 -28.34
N ALA B 374 5.01 17.26 -27.14
CA ALA B 374 4.98 18.08 -25.93
C ALA B 374 6.36 18.62 -25.63
N PHE B 375 7.43 17.84 -25.78
CA PHE B 375 8.76 18.27 -25.42
C PHE B 375 9.37 19.26 -26.40
N SER B 376 8.84 19.33 -27.61
CA SER B 376 9.28 20.24 -28.65
C SER B 376 9.00 21.70 -28.32
N ALA B 377 8.21 21.99 -27.29
CA ALA B 377 7.94 23.35 -26.84
C ALA B 377 9.17 23.98 -26.20
N ILE B 378 10.17 23.19 -25.83
CA ILE B 378 11.44 23.63 -25.28
C ILE B 378 12.44 23.68 -26.44
N PRO B 379 12.99 24.85 -26.68
CA PRO B 379 13.93 25.07 -27.77
C PRO B 379 15.20 24.24 -27.68
N GLY B 380 15.70 23.74 -28.80
CA GLY B 380 16.94 22.99 -28.83
C GLY B 380 16.89 21.60 -28.23
N VAL B 381 15.67 21.10 -27.99
CA VAL B 381 15.49 19.76 -27.46
C VAL B 381 15.94 18.80 -28.56
N LYS B 382 16.58 17.70 -28.19
CA LYS B 382 17.04 16.68 -29.11
C LYS B 382 16.64 15.31 -28.55
N PHE B 383 16.28 14.39 -29.44
CA PHE B 383 15.78 13.09 -29.10
C PHE B 383 16.68 11.96 -29.62
N TYR B 384 17.03 11.03 -28.74
CA TYR B 384 17.89 9.92 -29.06
C TYR B 384 17.39 8.54 -28.62
N PHE B 385 17.66 7.54 -29.45
CA PHE B 385 17.45 6.13 -29.12
C PHE B 385 18.85 5.59 -28.85
N PRO B 386 19.02 4.49 -28.12
CA PRO B 386 20.34 3.98 -27.74
C PRO B 386 21.37 3.91 -28.86
N GLU B 387 20.95 3.44 -30.02
CA GLU B 387 21.72 3.35 -31.23
C GLU B 387 22.30 4.66 -31.74
N ASP B 388 21.71 5.82 -31.45
CA ASP B 388 22.18 7.10 -31.91
C ASP B 388 23.21 7.73 -30.99
N THR B 389 23.65 7.00 -29.98
CA THR B 389 24.59 7.50 -29.01
C THR B 389 25.85 6.63 -29.06
N PRO B 390 26.93 7.14 -28.48
CA PRO B 390 28.18 6.40 -28.43
C PRO B 390 28.04 5.12 -27.61
N GLU B 391 29.07 4.29 -27.66
CA GLU B 391 29.15 3.02 -26.98
C GLU B 391 29.16 3.09 -25.46
N ASN B 392 29.76 4.13 -24.91
CA ASN B 392 29.89 4.32 -23.48
C ASN B 392 28.79 5.18 -22.87
N SER B 393 27.78 5.53 -23.66
CA SER B 393 26.71 6.40 -23.21
C SER B 393 25.90 5.82 -22.04
N VAL B 394 25.35 6.74 -21.26
CA VAL B 394 24.47 6.42 -20.13
C VAL B 394 23.17 5.86 -20.71
N LEU B 395 22.68 6.40 -21.84
CA LEU B 395 21.46 5.83 -22.45
C LEU B 395 21.56 4.33 -22.70
N ARG B 396 22.71 3.83 -23.16
CA ARG B 396 22.89 2.39 -23.37
C ARG B 396 22.85 1.60 -22.07
N VAL B 397 23.37 2.16 -20.98
CA VAL B 397 23.29 1.52 -19.67
C VAL B 397 21.84 1.54 -19.20
N ARG B 398 21.17 2.68 -19.23
CA ARG B 398 19.78 2.82 -18.79
C ARG B 398 18.79 2.05 -19.64
N ASP B 399 19.13 1.76 -20.90
CA ASP B 399 18.31 0.97 -21.80
C ASP B 399 18.13 -0.43 -21.19
N LYS B 400 19.20 -0.93 -20.57
CA LYS B 400 19.12 -2.20 -19.86
C LYS B 400 18.41 -2.04 -18.53
N THR B 401 18.70 -0.98 -17.79
CA THR B 401 18.03 -0.73 -16.50
C THR B 401 16.50 -0.68 -16.63
N MET B 402 15.96 0.00 -17.63
CA MET B 402 14.53 0.17 -17.84
C MET B 402 13.80 -1.04 -18.40
N GLN B 403 14.50 -2.14 -18.65
CA GLN B 403 13.90 -3.41 -19.07
C GLN B 403 14.22 -4.48 -18.03
N GLY B 404 14.76 -4.07 -16.88
CA GLY B 404 15.04 -4.95 -15.78
C GLY B 404 16.35 -5.69 -15.77
N ILE B 405 17.32 -5.23 -16.56
CA ILE B 405 18.62 -5.89 -16.62
C ILE B 405 19.62 -5.17 -15.74
N PRO B 406 20.25 -5.89 -14.82
CA PRO B 406 21.19 -5.30 -13.89
C PRO B 406 22.54 -4.91 -14.47
N THR B 407 23.04 -3.77 -14.01
CA THR B 407 24.30 -3.20 -14.39
C THR B 407 25.00 -2.62 -13.16
N TYR B 408 26.27 -2.23 -13.38
CA TYR B 408 27.14 -1.72 -12.33
C TYR B 408 27.87 -0.46 -12.75
N ASP B 409 27.57 0.04 -13.93
CA ASP B 409 28.19 1.23 -14.49
C ASP B 409 28.04 2.49 -13.66
N GLU B 410 26.86 2.73 -13.09
CA GLU B 410 26.58 3.91 -12.31
C GLU B 410 27.35 4.03 -11.02
N LEU B 411 28.10 3.03 -10.55
CA LEU B 411 28.95 3.12 -9.39
C LEU B 411 30.08 4.13 -9.61
N LYS B 412 30.50 4.31 -10.84
CA LYS B 412 31.59 5.22 -11.18
C LYS B 412 31.35 6.68 -10.79
N TRP B 413 30.14 7.22 -10.61
CA TRP B 413 30.03 8.61 -10.18
C TRP B 413 30.53 8.80 -8.74
N ILE B 414 30.54 7.72 -7.94
CA ILE B 414 31.04 7.80 -6.57
C ILE B 414 32.50 8.26 -6.56
N ASP B 415 33.31 7.83 -7.53
CA ASP B 415 34.70 8.24 -7.63
C ASP B 415 34.91 9.65 -8.16
N TRP B 416 33.92 10.52 -8.13
CA TRP B 416 34.04 11.88 -8.64
C TRP B 416 35.22 12.60 -7.98
N LEU B 417 35.38 12.41 -6.67
CA LEU B 417 36.53 12.95 -5.96
C LEU B 417 37.48 11.82 -5.57
N PRO B 418 38.73 12.17 -5.35
CA PRO B 418 39.80 11.26 -5.01
C PRO B 418 39.40 10.08 -4.15
N ASN B 419 39.08 10.31 -2.89
CA ASN B 419 38.65 9.20 -2.04
C ASN B 419 37.13 9.30 -1.84
N GLY B 420 36.47 9.42 -2.96
CA GLY B 420 35.04 9.61 -2.98
C GLY B 420 34.32 8.63 -2.05
N ALA B 421 33.44 9.22 -1.27
CA ALA B 421 32.47 8.54 -0.42
C ALA B 421 31.20 9.34 -0.71
N HIS B 422 30.02 8.74 -0.65
CA HIS B 422 28.81 9.48 -1.02
C HIS B 422 27.84 9.48 0.15
N LEU B 423 26.94 10.45 0.15
CA LEU B 423 25.88 10.50 1.14
C LEU B 423 24.67 10.99 0.36
N PHE B 424 23.51 10.39 0.51
CA PHE B 424 22.35 10.87 -0.25
C PHE B 424 21.41 11.75 0.56
N PHE B 425 21.05 12.91 0.01
CA PHE B 425 20.08 13.81 0.65
C PHE B 425 18.86 13.59 -0.23
N SER B 426 17.76 13.05 0.30
CA SER B 426 16.65 12.66 -0.56
C SER B 426 15.24 13.12 -0.27
N PRO B 427 14.94 14.39 -0.49
CA PRO B 427 13.63 14.96 -0.36
C PRO B 427 12.70 14.60 -1.49
N ILE B 428 11.41 14.85 -1.29
CA ILE B 428 10.37 14.63 -2.27
C ILE B 428 9.88 16.00 -2.74
N ALA B 429 9.51 16.13 -3.99
CA ALA B 429 9.05 17.37 -4.57
C ALA B 429 7.76 17.12 -5.32
N LYS B 430 7.01 18.16 -5.58
CA LYS B 430 5.80 18.05 -6.37
C LYS B 430 6.24 17.83 -7.82
N VAL B 431 5.39 17.31 -8.71
CA VAL B 431 5.76 17.23 -10.13
C VAL B 431 5.32 18.57 -10.74
N SER B 432 5.99 19.66 -10.38
CA SER B 432 5.65 20.97 -10.90
C SER B 432 6.97 21.71 -11.12
N GLY B 433 7.06 22.40 -12.25
CA GLY B 433 8.32 23.11 -12.57
C GLY B 433 8.71 24.07 -11.45
N GLU B 434 7.78 24.87 -10.97
CA GLU B 434 7.99 25.80 -9.86
C GLU B 434 8.58 25.14 -8.62
N ASP B 435 7.95 24.03 -8.18
CA ASP B 435 8.41 23.37 -6.97
C ASP B 435 9.79 22.74 -7.17
N ALA B 436 10.01 22.14 -8.34
CA ALA B 436 11.30 21.50 -8.61
C ALA B 436 12.45 22.50 -8.65
N MET B 437 12.18 23.64 -9.29
CA MET B 437 13.19 24.70 -9.39
C MET B 437 13.51 25.26 -8.02
N MET B 438 12.50 25.51 -7.20
CA MET B 438 12.73 26.02 -5.85
C MET B 438 13.53 25.05 -4.99
N GLN B 439 13.30 23.73 -5.10
CA GLN B 439 14.07 22.77 -4.31
C GLN B 439 15.51 22.64 -4.78
N TYR B 440 15.70 22.62 -6.10
CA TYR B 440 17.02 22.61 -6.70
C TYR B 440 17.82 23.87 -6.30
N ALA B 441 17.17 25.03 -6.36
CA ALA B 441 17.81 26.31 -6.03
C ALA B 441 18.29 26.32 -4.59
N VAL B 442 17.39 25.91 -3.67
CA VAL B 442 17.76 25.81 -2.26
C VAL B 442 18.98 24.92 -2.09
N THR B 443 18.93 23.70 -2.63
CA THR B 443 19.99 22.73 -2.52
C THR B 443 21.28 23.12 -3.22
N LYS B 444 21.19 23.71 -4.41
CA LYS B 444 22.42 24.09 -5.13
C LYS B 444 23.17 25.15 -4.34
N LYS B 445 22.45 26.12 -3.81
CA LYS B 445 23.03 27.19 -3.01
C LYS B 445 23.83 26.67 -1.82
N ARG B 446 23.24 25.76 -1.02
CA ARG B 446 23.97 25.24 0.13
C ARG B 446 25.15 24.41 -0.33
N CYS B 447 25.03 23.64 -1.41
CA CYS B 447 26.16 22.84 -1.90
C CYS B 447 27.35 23.75 -2.20
N GLN B 448 27.06 24.88 -2.83
CA GLN B 448 28.10 25.85 -3.18
C GLN B 448 28.71 26.43 -1.92
N GLU B 449 27.90 26.74 -0.91
CA GLU B 449 28.44 27.22 0.36
C GLU B 449 29.37 26.21 1.00
N ALA B 450 29.18 24.91 0.81
CA ALA B 450 30.05 23.89 1.37
C ALA B 450 31.27 23.59 0.53
N GLY B 451 31.42 24.17 -0.64
CA GLY B 451 32.58 23.91 -1.51
C GLY B 451 32.36 22.66 -2.36
N LEU B 452 31.11 22.28 -2.59
CA LEU B 452 30.84 21.08 -3.36
C LEU B 452 30.00 21.33 -4.62
N ASP B 453 30.26 20.47 -5.60
CA ASP B 453 29.48 20.46 -6.84
C ASP B 453 28.08 19.92 -6.57
N PHE B 454 27.05 20.51 -7.17
CA PHE B 454 25.71 19.93 -7.11
C PHE B 454 25.73 18.75 -8.10
N ILE B 455 25.28 17.58 -7.63
CA ILE B 455 25.14 16.39 -8.46
C ILE B 455 23.79 15.76 -8.08
N GLY B 456 22.89 15.47 -9.01
CA GLY B 456 21.62 14.86 -8.67
C GLY B 456 20.72 14.44 -9.82
N THR B 457 19.64 13.72 -9.44
CA THR B 457 18.61 13.22 -10.28
C THR B 457 17.21 13.41 -9.63
N PHE B 458 16.23 13.51 -10.50
CA PHE B 458 14.84 13.46 -10.09
C PHE B 458 14.30 12.13 -10.67
N THR B 459 13.66 11.32 -9.82
CA THR B 459 13.03 10.11 -10.30
C THR B 459 11.53 10.42 -10.26
N VAL B 460 10.86 10.25 -11.41
CA VAL B 460 9.47 10.71 -11.53
C VAL B 460 8.43 9.68 -11.14
N GLY B 461 7.85 9.91 -9.96
CA GLY B 461 6.76 9.05 -9.46
C GLY B 461 5.49 9.58 -10.12
N MET B 462 4.34 9.04 -9.81
CA MET B 462 3.11 9.48 -10.44
C MET B 462 2.65 10.88 -10.10
N ARG B 463 2.65 11.20 -8.79
CA ARG B 463 2.22 12.55 -8.37
C ARG B 463 3.33 13.18 -7.54
N GLU B 464 4.54 12.62 -7.57
CA GLU B 464 5.66 13.17 -6.82
C GLU B 464 6.97 12.84 -7.52
N MET B 465 8.04 13.49 -7.10
CA MET B 465 9.37 13.18 -7.60
C MET B 465 10.32 12.94 -6.43
N HIS B 466 11.17 11.91 -6.52
CA HIS B 466 12.18 11.71 -5.49
C HIS B 466 13.42 12.49 -6.01
N HIS B 467 13.96 13.37 -5.19
CA HIS B 467 15.10 14.18 -5.61
C HIS B 467 16.33 13.67 -4.90
N ILE B 468 17.15 12.93 -5.65
CA ILE B 468 18.33 12.33 -5.05
C ILE B 468 19.57 13.19 -5.23
N VAL B 469 19.93 13.93 -4.18
CA VAL B 469 21.12 14.77 -4.24
C VAL B 469 22.31 13.94 -3.76
N CYS B 470 23.26 13.77 -4.66
CA CYS B 470 24.42 12.92 -4.36
C CYS B 470 25.55 13.77 -3.85
N ILE B 471 25.78 13.77 -2.55
CA ILE B 471 26.85 14.59 -1.98
C ILE B 471 28.12 13.76 -2.01
N VAL B 472 29.12 14.09 -2.82
CA VAL B 472 30.30 13.21 -2.78
C VAL B 472 31.44 14.01 -2.19
N PHE B 473 32.26 13.31 -1.42
CA PHE B 473 33.35 13.94 -0.70
C PHE B 473 34.52 13.00 -0.52
N ASN B 474 35.65 13.58 -0.17
CA ASN B 474 36.86 12.77 0.08
C ASN B 474 36.79 12.23 1.49
N LYS B 475 36.62 10.94 1.68
CA LYS B 475 36.49 10.31 2.98
C LYS B 475 37.66 10.47 3.92
N LYS B 476 38.82 10.94 3.47
CA LYS B 476 39.98 11.12 4.34
C LYS B 476 40.19 12.60 4.65
N ASP B 477 39.40 13.49 4.03
CA ASP B 477 39.51 14.93 4.28
C ASP B 477 38.62 15.44 5.41
N LEU B 478 39.13 15.48 6.62
CA LEU B 478 38.51 15.96 7.83
C LEU B 478 37.66 17.21 7.75
N ILE B 479 38.19 18.27 7.17
CA ILE B 479 37.51 19.54 7.03
C ILE B 479 36.32 19.44 6.08
N GLN B 480 36.48 18.63 5.03
CA GLN B 480 35.38 18.46 4.07
C GLN B 480 34.30 17.61 4.73
N LYS B 481 34.67 16.60 5.48
CA LYS B 481 33.73 15.75 6.21
C LYS B 481 32.83 16.57 7.11
N ARG B 482 33.41 17.56 7.80
CA ARG B 482 32.65 18.47 8.65
C ARG B 482 31.71 19.38 7.88
N LYS B 483 32.18 19.89 6.74
CA LYS B 483 31.33 20.66 5.85
C LYS B 483 30.18 19.82 5.31
N VAL B 484 30.41 18.53 5.04
CA VAL B 484 29.35 17.64 4.59
C VAL B 484 28.30 17.50 5.70
N GLN B 485 28.76 17.33 6.94
CA GLN B 485 27.84 17.20 8.07
C GLN B 485 26.99 18.46 8.20
N TRP B 486 27.62 19.62 8.05
CA TRP B 486 26.94 20.89 8.09
C TRP B 486 25.91 21.03 6.99
N LEU B 487 26.33 20.67 5.79
CA LEU B 487 25.49 20.73 4.60
C LEU B 487 24.20 19.94 4.75
N MET B 488 24.39 18.69 5.17
CA MET B 488 23.24 17.78 5.32
C MET B 488 22.24 18.33 6.31
N ARG B 489 22.69 18.64 7.54
CA ARG B 489 21.77 19.15 8.56
C ARG B 489 21.12 20.46 8.17
N THR B 490 21.83 21.35 7.47
CA THR B 490 21.22 22.60 7.01
C THR B 490 20.19 22.34 5.95
N LEU B 491 20.49 21.44 5.00
CA LEU B 491 19.49 21.10 3.97
C LEU B 491 18.22 20.52 4.57
N ILE B 492 18.36 19.62 5.55
CA ILE B 492 17.18 19.03 6.21
C ILE B 492 16.27 20.13 6.75
N ASP B 493 16.89 21.09 7.48
CA ASP B 493 16.12 22.20 8.03
C ASP B 493 15.55 23.13 6.97
N ASP B 494 16.34 23.61 6.02
CA ASP B 494 15.83 24.46 4.95
C ASP B 494 14.69 23.77 4.19
N CYS B 495 14.87 22.47 3.89
CA CYS B 495 13.80 21.82 3.11
C CYS B 495 12.52 21.72 3.89
N ALA B 496 12.58 21.46 5.20
CA ALA B 496 11.38 21.40 6.02
C ALA B 496 10.69 22.75 6.12
N ALA B 497 11.46 23.83 6.23
CA ALA B 497 10.86 25.18 6.26
C ALA B 497 10.22 25.57 4.94
N ASN B 498 10.37 24.81 3.86
CA ASN B 498 9.74 24.97 2.57
C ASN B 498 8.75 23.85 2.27
N GLY B 499 8.29 23.12 3.30
CA GLY B 499 7.32 22.08 3.15
C GLY B 499 7.72 20.77 2.52
N TRP B 500 8.99 20.39 2.55
CA TRP B 500 9.51 19.17 2.00
C TRP B 500 10.22 18.32 3.05
N GLY B 501 9.94 17.01 3.03
CA GLY B 501 10.59 16.06 3.89
C GLY B 501 11.35 15.02 3.05
N GLU B 502 12.29 14.34 3.70
CA GLU B 502 13.05 13.31 3.00
C GLU B 502 12.35 11.94 3.15
N TYR B 503 12.51 11.04 2.21
CA TYR B 503 11.84 9.74 2.20
C TYR B 503 12.73 8.67 2.79
N ARG B 504 14.05 8.95 2.85
CA ARG B 504 14.99 7.93 3.30
C ARG B 504 16.32 8.53 3.73
N THR B 505 17.06 8.07 4.75
CA THR B 505 18.31 8.70 5.09
C THR B 505 19.38 7.75 5.67
N HIS B 506 20.54 8.36 5.93
CA HIS B 506 21.68 7.71 6.55
C HIS B 506 21.51 7.61 8.05
N LEU B 507 22.10 6.63 8.70
CA LEU B 507 22.07 6.44 10.14
C LEU B 507 22.25 7.70 10.96
N ALA B 508 23.19 8.59 10.63
CA ALA B 508 23.47 9.81 11.37
C ALA B 508 22.42 10.89 11.29
N PHE B 509 21.46 10.82 10.38
CA PHE B 509 20.46 11.85 10.21
C PHE B 509 19.04 11.34 10.46
N MET B 510 18.87 10.06 10.82
CA MET B 510 17.52 9.54 11.09
C MET B 510 16.74 10.29 12.17
N ASP B 511 17.41 10.67 13.27
CA ASP B 511 16.77 11.40 14.37
C ASP B 511 16.31 12.77 13.88
N GLN B 512 17.28 13.52 13.30
CA GLN B 512 16.94 14.84 12.76
C GLN B 512 15.83 14.80 11.73
N ILE B 513 15.82 13.83 10.81
CA ILE B 513 14.68 13.73 9.87
C ILE B 513 13.40 13.31 10.53
N MET B 514 13.42 12.37 11.51
CA MET B 514 12.15 12.06 12.17
C MET B 514 11.60 13.30 12.89
N GLU B 515 12.44 14.14 13.49
CA GLU B 515 12.01 15.35 14.19
C GLU B 515 11.33 16.37 13.30
N THR B 516 11.59 16.38 12.01
CA THR B 516 10.96 17.14 10.96
C THR B 516 9.49 16.74 10.80
N TYR B 517 9.15 15.47 11.03
CA TYR B 517 7.79 14.96 10.90
C TYR B 517 7.05 15.09 12.25
N ASN B 518 7.04 16.31 12.78
CA ASN B 518 6.47 16.61 14.07
C ASN B 518 5.14 17.32 14.17
N TRP B 519 4.29 17.31 13.15
CA TRP B 519 2.96 17.90 13.26
C TRP B 519 2.25 17.46 14.55
N ASN B 520 1.47 18.33 15.16
CA ASN B 520 0.77 18.01 16.42
C ASN B 520 1.73 17.49 17.47
N ASN B 521 2.80 18.26 17.74
CA ASN B 521 3.74 17.90 18.79
C ASN B 521 4.31 16.49 18.72
N SER B 522 4.76 16.08 17.53
CA SER B 522 5.36 14.78 17.29
C SER B 522 4.44 13.58 17.53
N SER B 523 3.17 13.75 17.16
CA SER B 523 2.21 12.68 17.30
C SER B 523 2.62 11.39 16.58
N PHE B 524 3.14 11.50 15.38
CA PHE B 524 3.58 10.37 14.57
C PHE B 524 4.66 9.56 15.27
N LEU B 525 5.72 10.18 15.80
CA LEU B 525 6.75 9.41 16.49
C LEU B 525 6.25 8.83 17.82
N ARG B 526 5.46 9.55 18.61
CA ARG B 526 4.88 9.03 19.85
C ARG B 526 4.09 7.73 19.55
N PHE B 527 3.15 7.74 18.62
CA PHE B 527 2.40 6.55 18.23
C PHE B 527 3.36 5.43 17.82
N ASN B 528 4.37 5.66 16.99
CA ASN B 528 5.31 4.59 16.64
C ASN B 528 6.03 4.03 17.85
N GLU B 529 6.46 4.88 18.81
CA GLU B 529 7.14 4.38 19.99
C GLU B 529 6.26 3.46 20.83
N VAL B 530 4.98 3.77 20.95
CA VAL B 530 4.02 2.93 21.65
C VAL B 530 3.99 1.58 20.92
N LEU B 531 3.93 1.54 19.58
CA LEU B 531 3.90 0.24 18.92
C LEU B 531 5.19 -0.52 19.17
N LYS B 532 6.33 0.18 19.07
CA LYS B 532 7.63 -0.53 19.26
C LYS B 532 7.84 -1.09 20.64
N ASN B 533 7.49 -0.39 21.71
CA ASN B 533 7.66 -0.93 23.06
C ASN B 533 6.75 -2.13 23.31
N ALA B 534 5.56 -2.09 22.72
CA ALA B 534 4.63 -3.20 22.92
C ALA B 534 5.11 -4.50 22.25
N VAL B 535 5.67 -4.41 21.05
CA VAL B 535 6.09 -5.64 20.39
C VAL B 535 7.51 -6.03 20.76
N ASP B 536 8.34 -5.11 21.23
CA ASP B 536 9.72 -5.38 21.59
C ASP B 536 10.11 -4.81 22.94
N PRO B 537 9.57 -5.43 24.01
CA PRO B 537 9.79 -5.01 25.39
C PRO B 537 11.22 -4.96 25.86
N ASN B 538 12.15 -5.73 25.30
CA ASN B 538 13.56 -5.65 25.66
C ASN B 538 14.36 -4.75 24.70
N GLY B 539 13.73 -4.16 23.71
CA GLY B 539 14.35 -3.30 22.72
C GLY B 539 15.55 -3.85 22.01
N ILE B 540 15.54 -5.12 21.56
CA ILE B 540 16.69 -5.69 20.90
C ILE B 540 16.65 -5.58 19.36
N ILE B 541 15.54 -5.23 18.71
CA ILE B 541 15.56 -5.19 17.25
C ILE B 541 15.89 -3.78 16.79
N ALA B 542 17.08 -3.56 16.29
CA ALA B 542 17.53 -2.31 15.67
C ALA B 542 17.07 -0.99 16.29
N PRO B 543 17.41 -0.79 17.57
CA PRO B 543 17.07 0.41 18.28
C PRO B 543 17.56 1.62 17.52
N GLY B 544 16.66 2.59 17.36
CA GLY B 544 17.04 3.84 16.68
C GLY B 544 16.80 3.89 15.18
N LYS B 545 16.44 2.79 14.55
CA LYS B 545 16.14 2.79 13.11
C LYS B 545 15.03 3.79 12.90
N SER B 546 15.22 4.72 11.96
CA SER B 546 14.24 5.75 11.64
C SER B 546 13.98 6.70 12.81
N GLY B 547 14.91 6.85 13.76
CA GLY B 547 14.64 7.71 14.92
C GLY B 547 13.73 7.05 15.97
N VAL B 548 13.35 5.79 15.84
CA VAL B 548 12.40 5.11 16.72
C VAL B 548 13.15 4.30 17.78
N TRP B 549 13.18 4.84 19.00
CA TRP B 549 13.92 4.27 20.09
C TRP B 549 13.02 3.60 21.14
N PRO B 550 13.40 2.41 21.56
CA PRO B 550 12.68 1.69 22.61
C PRO B 550 12.90 2.42 23.95
N SER B 551 12.06 2.21 24.96
CA SER B 551 12.18 2.95 26.23
C SER B 551 13.44 2.73 27.03
N GLN B 552 14.22 1.67 26.81
CA GLN B 552 15.50 1.50 27.50
C GLN B 552 16.60 2.39 26.94
N TYR B 553 16.40 3.03 25.79
CA TYR B 553 17.43 3.90 25.23
C TYR B 553 17.05 5.36 25.46
N SER B 554 17.72 5.96 26.43
CA SER B 554 17.47 7.37 26.72
C SER B 554 17.69 8.26 25.49
N HIS B 555 16.71 9.14 25.20
CA HIS B 555 16.79 10.04 24.07
C HIS B 555 17.97 11.01 24.20
N VAL B 556 18.23 11.45 25.44
CA VAL B 556 19.30 12.36 25.72
C VAL B 556 20.64 11.73 25.32
N THR B 557 20.91 10.50 25.71
CA THR B 557 22.14 9.80 25.38
C THR B 557 22.31 9.45 23.90
N TRP B 558 21.30 8.85 23.28
CA TRP B 558 21.40 8.31 21.94
C TRP B 558 21.10 9.14 20.74
N LYS B 559 20.17 10.10 20.79
CA LYS B 559 19.85 10.84 19.59
C LYS B 559 21.01 11.67 19.05
N LEU B 560 21.03 11.78 17.72
CA LEU B 560 21.99 12.62 17.02
C LEU B 560 21.17 13.75 16.34
PA FAD C . -19.79 2.91 6.61
O1A FAD C . -20.82 1.93 7.13
O2A FAD C . -19.90 4.18 7.09
O5B FAD C . -18.51 2.29 7.09
C5B FAD C . -18.12 0.89 7.01
C4B FAD C . -17.16 0.55 8.16
O4B FAD C . -15.91 1.28 8.07
C3B FAD C . -17.61 0.83 9.61
O3B FAD C . -18.55 -0.07 10.09
C2B FAD C . -16.31 0.96 10.38
O2B FAD C . -15.83 -0.32 10.69
C1B FAD C . -15.39 1.58 9.37
N9A FAD C . -15.35 3.04 9.39
C8A FAD C . -16.15 3.87 8.66
N7A FAD C . -15.90 5.17 8.89
C5A FAD C . -14.91 5.15 9.83
C6A FAD C . -14.20 6.24 10.48
N6A FAD C . -14.45 7.50 10.26
N1A FAD C . -13.25 5.85 11.37
C2A FAD C . -12.97 4.55 11.65
N3A FAD C . -13.55 3.49 11.06
C4A FAD C . -14.53 3.83 10.18
N1 FAD C . -18.90 -2.15 -1.77
C2 FAD C . -17.85 -2.00 -2.56
O2 FAD C . -16.75 -1.84 -2.14
N3 FAD C . -17.97 -2.05 -3.98
C4 FAD C . -19.18 -2.20 -4.57
O4 FAD C . -19.26 -2.21 -5.78
C4X FAD C . -20.32 -2.36 -3.68
N5 FAD C . -21.52 -2.56 -4.22
C5X FAD C . -22.58 -2.74 -3.41
C6 FAD C . -23.82 -2.95 -4.02
C7 FAD C . -24.94 -3.12 -3.29
C7M FAD C . -26.27 -3.35 -3.93
C8 FAD C . -24.86 -3.09 -1.84
C8M FAD C . -26.10 -3.27 -1.01
C9 FAD C . -23.62 -2.87 -1.24
C9A FAD C . -22.48 -2.71 -2.00
N10 FAD C . -21.21 -2.47 -1.45
C10 FAD C . -20.14 -2.32 -2.24
C1' FAD C . -21.10 -2.54 0.03
C2' FAD C . -21.38 -1.21 0.77
O2' FAD C . -22.70 -0.80 0.45
C3' FAD C . -20.39 -0.15 0.26
O3' FAD C . -19.10 -0.69 0.42
C4' FAD C . -20.51 1.11 1.08
O4' FAD C . -19.71 2.22 0.58
C5' FAD C . -20.05 0.84 2.55
O5' FAD C . -20.78 1.88 3.46
P FAD C . -20.53 3.32 3.89
O1P FAD C . -19.54 3.92 2.91
O2P FAD C . -21.79 3.92 4.07
O3P FAD C . -19.70 3.03 5.07
C1 FCR D . -19.60 -5.73 -4.59
C2 FCR D . -20.26 -5.98 -3.40
C3 FCR D . -19.51 -6.01 -2.19
C4 FCR D . -18.14 -5.84 -2.26
C5 FCR D . -17.45 -5.61 -3.45
C6 FCR D . -18.20 -5.56 -4.62
C7 FCR D . -20.36 -5.73 -5.84
O4 FCR D . -17.48 -5.93 -1.08
F1 FCR D . -20.87 -4.64 -6.33
F2 FCR D . -19.50 -6.20 -6.81
F3 FCR D . -21.28 -6.68 -5.75
PA FAD E . 20.56 -3.81 2.88
O1A FAD E . 21.67 -3.00 3.44
O2A FAD E . 20.68 -5.14 3.10
O5B FAD E . 19.42 -3.20 3.71
C5B FAD E . 19.04 -1.81 3.89
C4B FAD E . 18.32 -1.71 5.26
O4B FAD E . 17.05 -2.45 5.20
C3B FAD E . 18.95 -2.26 6.54
O3B FAD E . 19.90 -1.43 7.11
C2B FAD E . 17.77 -2.53 7.45
O2B FAD E . 17.29 -1.33 8.00
C1B FAD E . 16.71 -3.00 6.51
N9A FAD E . 16.67 -4.44 6.28
C8A FAD E . 17.30 -5.11 5.26
N7A FAD E . 17.07 -6.42 5.32
C5A FAD E . 16.27 -6.59 6.41
C6A FAD E . 15.71 -7.82 6.95
N6A FAD E . 15.93 -8.98 6.38
N1A FAD E . 14.97 -7.61 8.07
C2A FAD E . 14.75 -6.38 8.60
N3A FAD E . 15.22 -5.21 8.16
C4A FAD E . 15.98 -5.37 7.04
N1 FAD E . 18.44 2.62 -4.20
C2 FAD E . 17.29 2.58 -4.84
O2 FAD E . 16.26 2.31 -4.32
N3 FAD E . 17.17 2.87 -6.24
C4 FAD E . 18.27 3.21 -6.96
O4 FAD E . 18.18 3.44 -8.14
C4X FAD E . 19.53 3.25 -6.25
N5 FAD E . 20.61 3.57 -6.94
C5X FAD E . 21.79 3.62 -6.27
C6 FAD E . 22.92 3.98 -6.99
C7 FAD E . 24.16 4.04 -6.43
C7M FAD E . 25.36 4.42 -7.27
C8 FAD E . 24.29 3.74 -5.03
C8M FAD E . 25.63 3.80 -4.33
C9 FAD E . 23.17 3.39 -4.30
C9A FAD E . 21.92 3.33 -4.89
N10 FAD E . 20.74 3.00 -4.21
C10 FAD E . 19.58 2.96 -4.84
C1' FAD E . 20.85 2.75 -2.74
C2' FAD E . 21.28 1.30 -2.39
O2' FAD E . 22.45 1.02 -3.15
C3' FAD E . 20.16 0.34 -2.83
O3' FAD E . 18.98 0.94 -2.25
C4' FAD E . 20.38 -1.06 -2.29
O4' FAD E . 19.57 -2.19 -2.78
C5' FAD E . 20.16 -1.02 -0.74
O5' FAD E . 20.99 -2.24 -0.19
P FAD E . 20.79 -3.74 0.06
O1P FAD E . 19.71 -4.07 -0.92
O2P FAD E . 22.13 -4.11 -0.09
O3P FAD E . 20.16 -3.60 1.40
C1 FCR F . 18.74 6.69 -6.37
C2 FCR F . 19.59 6.72 -5.26
C3 FCR F . 19.07 6.53 -3.97
C4 FCR F . 17.70 6.34 -3.83
C5 FCR F . 16.84 6.32 -4.92
C6 FCR F . 17.37 6.53 -6.19
C7 FCR F . 19.29 6.95 -7.70
O4 FCR F . 17.26 6.19 -2.54
F1 FCR F . 19.84 6.01 -8.39
F2 FCR F . 18.28 7.52 -8.46
F3 FCR F . 20.19 7.91 -7.58
#